data_4GPH
#
_entry.id   4GPH
#
_cell.length_a   54.065
_cell.length_b   62.966
_cell.length_c   107.728
_cell.angle_alpha   90.00
_cell.angle_beta   100.78
_cell.angle_gamma   90.00
#
_symmetry.space_group_name_H-M   'P 1 21 1'
#
loop_
_entity.id
_entity.type
_entity.pdbx_description
1 polymer 'Heme oxygenase'
2 non-polymer 'FE (III) ION'
3 non-polymer 'BILIVERDINE IX ALPHA'
4 non-polymer 'SULFATE ION'
5 non-polymer 'ASCORBIC ACID'
6 water water
#
_entity_poly.entity_id   1
_entity_poly.type   'polypeptide(L)'
_entity_poly.pdbx_seq_one_letter_code
;MTTATAGLAVELKQSTAQAHEKAEHSTFMSDLLKGRLGVAEFTRLQEQAWLFYTALEQAVDAVRASGFAESLLDPALNRA
EVLARDLDKLNGSSEWRSRITASPAVIDYVNRLEEIRDNVDGPALVAHHYVRYLGDLSGGQVIARMMQRHYGVDPEALGF
YHFEGIAKLKVYKDEYREKLNNLELSDEQREHLLKEATDAFVFNHQVFADLGKGL
;
_entity_poly.pdbx_strand_id   A,B,C
#
loop_
_chem_comp.id
_chem_comp.type
_chem_comp.name
_chem_comp.formula
ASC L-saccharide 'ASCORBIC ACID' 'C6 H8 O6'
BLA non-polymer 'BILIVERDINE IX ALPHA' 'C33 H34 N4 O6'
FE non-polymer 'FE (III) ION' 'Fe 3'
SO4 non-polymer 'SULFATE ION' 'O4 S -2'
#
# COMPACT_ATOMS: atom_id res chain seq x y z
N THR A 5 1.55 2.26 -26.62
CA THR A 5 1.36 1.63 -27.97
C THR A 5 2.60 1.73 -28.89
N ALA A 6 3.60 2.50 -28.49
CA ALA A 6 4.82 2.70 -29.30
C ALA A 6 6.11 2.23 -28.61
N GLY A 7 5.96 1.43 -27.56
CA GLY A 7 7.14 0.82 -26.96
C GLY A 7 7.56 1.52 -25.67
N LEU A 8 8.31 0.81 -24.86
CA LEU A 8 8.66 1.37 -23.57
C LEU A 8 9.47 2.69 -23.62
N ALA A 9 10.44 2.80 -24.51
CA ALA A 9 11.23 4.02 -24.56
C ALA A 9 10.34 5.29 -24.73
N VAL A 10 9.38 5.21 -25.67
CA VAL A 10 8.47 6.34 -25.92
C VAL A 10 7.61 6.58 -24.67
N GLU A 11 7.04 5.51 -24.10
CA GLU A 11 6.19 5.63 -22.91
C GLU A 11 6.96 6.20 -21.72
N LEU A 12 8.22 5.79 -21.50
CA LEU A 12 9.03 6.39 -20.43
C LEU A 12 9.22 7.86 -20.59
N LYS A 13 9.52 8.27 -21.83
CA LYS A 13 9.71 9.68 -22.16
C LYS A 13 8.43 10.46 -21.88
N GLN A 14 7.30 9.93 -22.30
CA GLN A 14 6.06 10.64 -22.15
C GLN A 14 5.57 10.63 -20.67
N SER A 15 5.68 9.47 -19.99
CA SER A 15 5.22 9.30 -18.58
C SER A 15 6.02 10.24 -17.63
N THR A 16 7.30 10.43 -17.89
CA THR A 16 8.15 11.19 -16.98
C THR A 16 8.28 12.67 -17.35
N ALA A 17 7.59 13.11 -18.39
CA ALA A 17 7.75 14.47 -18.91
C ALA A 17 7.61 15.56 -17.83
N GLN A 18 6.56 15.48 -17.03
CA GLN A 18 6.27 16.52 -16.00
C GLN A 18 7.37 16.58 -14.92
N ALA A 19 7.74 15.41 -14.38
CA ALA A 19 8.79 15.32 -13.40
C ALA A 19 10.17 15.72 -14.00
N HIS A 20 10.47 15.27 -15.22
CA HIS A 20 11.73 15.63 -15.88
C HIS A 20 11.88 17.16 -16.05
N GLU A 21 10.83 17.80 -16.57
CA GLU A 21 10.74 19.26 -16.71
C GLU A 21 10.89 19.96 -15.38
N LYS A 22 10.18 19.47 -14.35
CA LYS A 22 10.40 20.08 -13.02
C LYS A 22 11.89 19.98 -12.57
N ALA A 23 12.56 18.83 -12.80
CA ALA A 23 13.95 18.65 -12.37
C ALA A 23 14.95 19.49 -13.16
N GLU A 24 14.73 19.55 -14.47
CA GLU A 24 15.63 20.26 -15.39
C GLU A 24 15.61 21.75 -15.10
N HIS A 25 14.45 22.23 -14.63
CA HIS A 25 14.28 23.65 -14.38
C HIS A 25 14.49 24.09 -12.93
N SER A 26 15.25 23.31 -12.14
CA SER A 26 15.60 23.79 -10.80
C SER A 26 16.51 25.02 -10.85
N THR A 27 16.40 25.85 -9.82
CA THR A 27 17.20 27.04 -9.75
C THR A 27 18.71 26.74 -9.70
N PHE A 28 19.09 25.69 -8.99
CA PHE A 28 20.51 25.38 -8.83
C PHE A 28 21.08 25.01 -10.19
N MET A 29 20.41 24.09 -10.91
CA MET A 29 20.96 23.67 -12.22
C MET A 29 20.87 24.77 -13.22
N SER A 30 19.80 25.54 -13.17
CA SER A 30 19.66 26.67 -14.06
C SER A 30 20.77 27.74 -13.89
N ASP A 31 21.11 28.09 -12.63
CA ASP A 31 22.18 29.05 -12.34
C ASP A 31 23.54 28.42 -12.68
N LEU A 32 23.65 27.11 -12.48
CA LEU A 32 24.92 26.46 -12.68
C LEU A 32 25.16 26.55 -14.18
N LEU A 33 24.20 26.11 -14.98
CA LEU A 33 24.44 26.07 -16.44
C LEU A 33 24.52 27.42 -17.13
N LYS A 34 23.97 28.47 -16.52
CA LYS A 34 24.07 29.82 -17.06
C LYS A 34 25.33 30.60 -16.68
N GLY A 35 26.18 30.01 -15.85
CA GLY A 35 27.44 30.62 -15.49
C GLY A 35 27.33 31.49 -14.24
N ARG A 36 26.23 31.36 -13.50
CA ARG A 36 26.08 32.20 -12.26
C ARG A 36 26.80 31.68 -11.02
N LEU A 37 27.24 30.43 -11.05
CA LEU A 37 27.80 29.77 -9.89
C LEU A 37 29.32 29.65 -10.09
N GLY A 38 29.90 28.49 -9.78
CA GLY A 38 31.32 28.41 -9.87
C GLY A 38 31.72 26.99 -9.80
N VAL A 39 33.02 26.74 -9.89
CA VAL A 39 33.54 25.39 -9.85
C VAL A 39 33.18 24.82 -8.47
N ALA A 40 33.17 25.66 -7.42
CA ALA A 40 32.77 25.12 -6.10
C ALA A 40 31.40 24.43 -6.12
N GLU A 41 30.36 25.09 -6.64
CA GLU A 41 29.04 24.47 -6.68
C GLU A 41 29.01 23.24 -7.58
N PHE A 42 29.70 23.31 -8.72
CA PHE A 42 29.80 22.09 -9.55
C PHE A 42 30.42 20.97 -8.77
N THR A 43 31.43 21.29 -7.96
CA THR A 43 32.07 20.25 -7.18
C THR A 43 31.12 19.69 -6.12
N ARG A 44 30.32 20.55 -5.47
CA ARG A 44 29.35 20.02 -4.52
C ARG A 44 28.32 19.07 -5.21
N LEU A 45 27.84 19.46 -6.39
CA LEU A 45 26.95 18.59 -7.23
C LEU A 45 27.60 17.22 -7.43
N GLN A 46 28.84 17.21 -7.90
CA GLN A 46 29.53 15.97 -8.21
C GLN A 46 29.78 15.13 -6.92
N GLU A 47 30.02 15.79 -5.77
CA GLU A 47 30.14 15.02 -4.54
C GLU A 47 28.79 14.31 -4.20
N GLN A 48 27.66 15.01 -4.32
CA GLN A 48 26.39 14.33 -4.03
C GLN A 48 26.18 13.27 -5.10
N ALA A 49 26.51 13.58 -6.37
CA ALA A 49 26.37 12.54 -7.46
C ALA A 49 27.24 11.30 -7.15
N TRP A 50 28.43 11.50 -6.61
CA TRP A 50 29.25 10.33 -6.28
C TRP A 50 28.55 9.42 -5.24
N LEU A 51 27.90 10.05 -4.28
CA LEU A 51 27.12 9.28 -3.31
C LEU A 51 25.98 8.52 -3.97
N PHE A 52 25.15 9.14 -4.80
CA PHE A 52 24.06 8.37 -5.33
C PHE A 52 24.44 7.45 -6.49
N TYR A 53 25.48 7.80 -7.27
CA TYR A 53 25.95 6.82 -8.28
C TYR A 53 26.60 5.59 -7.65
N THR A 54 27.26 5.76 -6.52
CA THR A 54 27.87 4.61 -5.82
C THR A 54 26.71 3.66 -5.45
N ALA A 55 25.63 4.22 -4.88
CA ALA A 55 24.46 3.39 -4.51
C ALA A 55 23.77 2.82 -5.76
N LEU A 56 23.52 3.65 -6.79
CA LEU A 56 22.90 3.15 -8.01
C LEU A 56 23.70 1.99 -8.57
N GLU A 57 25.04 2.07 -8.56
CA GLU A 57 25.88 1.01 -9.18
C GLU A 57 25.97 -0.27 -8.43
N GLN A 58 25.72 -0.18 -7.11
CA GLN A 58 25.53 -1.41 -6.31
C GLN A 58 24.23 -2.09 -6.71
N ALA A 59 23.19 -1.29 -6.86
CA ALA A 59 21.90 -1.85 -7.30
C ALA A 59 21.95 -2.38 -8.74
N VAL A 60 22.64 -1.68 -9.65
CA VAL A 60 22.79 -2.24 -11.01
C VAL A 60 23.59 -3.57 -10.91
N ASP A 61 24.66 -3.65 -10.15
CA ASP A 61 25.42 -4.88 -10.05
C ASP A 61 24.57 -6.05 -9.55
N ALA A 62 23.71 -5.77 -8.57
CA ALA A 62 22.93 -6.85 -8.02
C ALA A 62 21.90 -7.30 -9.12
N VAL A 63 21.25 -6.34 -9.76
CA VAL A 63 20.29 -6.68 -10.83
C VAL A 63 20.91 -7.40 -12.03
N ARG A 64 22.05 -6.91 -12.51
CA ARG A 64 22.77 -7.59 -13.60
C ARG A 64 23.11 -9.03 -13.20
N ALA A 65 23.58 -9.23 -11.95
CA ALA A 65 23.95 -10.57 -11.48
C ALA A 65 22.73 -11.49 -11.47
N SER A 66 21.52 -10.96 -11.32
CA SER A 66 20.31 -11.83 -11.25
C SER A 66 19.89 -12.32 -12.61
N GLY A 67 20.49 -11.71 -13.63
CA GLY A 67 20.23 -12.03 -15.04
C GLY A 67 19.14 -11.19 -15.68
N PHE A 68 18.76 -10.10 -15.05
CA PHE A 68 17.65 -9.29 -15.57
C PHE A 68 18.27 -8.13 -16.38
N ALA A 69 17.83 -7.89 -17.63
CA ALA A 69 18.27 -6.67 -18.40
C ALA A 69 19.79 -6.60 -18.59
N GLU A 70 20.44 -7.76 -18.80
CA GLU A 70 21.93 -7.74 -18.74
C GLU A 70 22.52 -6.86 -19.80
N SER A 71 22.08 -7.00 -21.05
CA SER A 71 22.71 -6.22 -22.14
C SER A 71 22.47 -4.72 -21.98
N LEU A 72 21.38 -4.33 -21.31
CA LEU A 72 21.21 -2.90 -21.02
C LEU A 72 22.21 -2.35 -19.99
N LEU A 73 22.48 -3.18 -18.97
CA LEU A 73 23.24 -2.75 -17.79
C LEU A 73 24.71 -2.91 -18.10
N ASP A 74 25.12 -2.21 -19.15
CA ASP A 74 26.52 -2.18 -19.59
C ASP A 74 27.48 -1.55 -18.52
N PRO A 75 28.41 -2.34 -17.98
CA PRO A 75 29.34 -1.81 -16.98
C PRO A 75 30.20 -0.65 -17.45
N ALA A 76 30.31 -0.45 -18.79
CA ALA A 76 31.03 0.75 -19.30
C ALA A 76 30.35 2.02 -18.88
N LEU A 77 29.05 1.96 -18.55
CA LEU A 77 28.38 3.13 -18.02
C LEU A 77 28.73 3.51 -16.58
N ASN A 78 29.37 2.64 -15.79
CA ASN A 78 29.68 3.00 -14.41
C ASN A 78 30.40 4.32 -14.31
N ARG A 79 29.91 5.17 -13.41
CA ARG A 79 30.43 6.50 -13.20
C ARG A 79 31.16 6.69 -11.92
N ALA A 80 30.92 5.84 -10.92
CA ALA A 80 31.42 6.14 -9.60
C ALA A 80 32.94 6.30 -9.53
N GLU A 81 33.71 5.37 -10.11
CA GLU A 81 35.18 5.46 -10.04
C GLU A 81 35.67 6.66 -10.83
N VAL A 82 35.07 6.92 -12.00
CA VAL A 82 35.45 8.13 -12.77
C VAL A 82 35.16 9.39 -12.01
N LEU A 83 34.02 9.42 -11.31
CA LEU A 83 33.63 10.60 -10.56
C LEU A 83 34.62 10.86 -9.45
N ALA A 84 35.07 9.81 -8.74
CA ALA A 84 36.02 9.98 -7.64
C ALA A 84 37.30 10.63 -8.24
N ARG A 85 37.73 10.14 -9.40
CA ARG A 85 38.96 10.73 -10.02
C ARG A 85 38.73 12.18 -10.34
N ASP A 86 37.53 12.52 -10.83
CA ASP A 86 37.20 13.89 -11.10
C ASP A 86 37.27 14.72 -9.81
N LEU A 87 36.68 14.17 -8.75
CA LEU A 87 36.67 14.89 -7.46
C LEU A 87 38.06 14.98 -6.85
N ASP A 88 38.89 13.98 -7.11
CA ASP A 88 40.34 14.14 -6.75
C ASP A 88 41.00 15.38 -7.41
N LYS A 89 40.71 15.62 -8.69
CA LYS A 89 41.18 16.79 -9.39
C LYS A 89 40.51 18.05 -8.89
N LEU A 90 39.19 18.04 -8.74
CA LEU A 90 38.47 19.28 -8.40
C LEU A 90 38.87 19.74 -6.99
N ASN A 91 38.93 18.81 -6.04
CA ASN A 91 39.30 19.16 -4.66
C ASN A 91 40.80 19.18 -4.35
N GLY A 92 41.62 18.65 -5.26
CA GLY A 92 43.09 18.73 -5.14
C GLY A 92 43.70 17.71 -4.23
N SER A 93 42.87 16.82 -3.68
CA SER A 93 43.34 15.70 -2.87
C SER A 93 42.18 14.75 -2.60
N SER A 94 42.45 13.66 -1.91
CA SER A 94 41.38 12.71 -1.66
C SER A 94 40.64 13.05 -0.35
N GLU A 95 40.92 14.26 0.17
CA GLU A 95 40.29 14.88 1.38
C GLU A 95 38.77 14.72 1.44
N TRP A 96 38.14 14.82 0.26
CA TRP A 96 36.70 14.91 0.16
C TRP A 96 35.98 13.68 0.65
N ARG A 97 36.62 12.51 0.54
CA ARG A 97 35.97 11.23 0.89
C ARG A 97 35.48 11.22 2.34
N SER A 98 36.30 11.75 3.23
CA SER A 98 36.03 11.68 4.66
C SER A 98 35.29 12.95 5.14
N ARG A 99 35.16 13.96 4.26
CA ARG A 99 34.44 15.19 4.58
C ARG A 99 32.98 15.19 4.09
N ILE A 100 32.73 14.73 2.87
CA ILE A 100 31.37 14.94 2.32
C ILE A 100 30.31 14.20 3.12
N THR A 101 29.09 14.77 3.14
CA THR A 101 27.97 14.01 3.70
C THR A 101 26.73 14.12 2.77
N ALA A 102 25.86 13.12 2.78
CA ALA A 102 24.67 13.14 1.96
C ALA A 102 23.75 14.23 2.44
N SER A 103 23.26 14.98 1.50
CA SER A 103 22.21 15.91 1.82
C SER A 103 20.99 15.07 2.14
N PRO A 104 20.02 15.69 2.84
CA PRO A 104 18.77 14.93 3.05
C PRO A 104 18.14 14.34 1.79
N ALA A 105 18.16 15.07 0.69
CA ALA A 105 17.61 14.55 -0.56
C ALA A 105 18.37 13.28 -1.02
N VAL A 106 19.67 13.31 -0.83
CA VAL A 106 20.51 12.18 -1.21
C VAL A 106 20.35 10.97 -0.30
N ILE A 107 20.05 11.22 0.97
CA ILE A 107 19.67 10.11 1.92
C ILE A 107 18.44 9.40 1.38
N ASP A 108 17.39 10.09 1.02
CA ASP A 108 16.21 9.39 0.53
C ASP A 108 16.51 8.65 -0.74
N TYR A 109 17.18 9.30 -1.69
CA TYR A 109 17.53 8.66 -2.96
C TYR A 109 18.37 7.40 -2.76
N VAL A 110 19.42 7.50 -1.96
CA VAL A 110 20.31 6.34 -1.69
C VAL A 110 19.49 5.25 -1.00
N ASN A 111 18.63 5.62 0.00
CA ASN A 111 17.78 4.61 0.64
C ASN A 111 16.95 3.80 -0.33
N ARG A 112 16.35 4.49 -1.31
CA ARG A 112 15.55 3.83 -2.32
C ARG A 112 16.42 2.92 -3.17
N LEU A 113 17.54 3.43 -3.67
CA LEU A 113 18.49 2.54 -4.40
C LEU A 113 18.93 1.32 -3.61
N GLU A 114 19.11 1.47 -2.30
CA GLU A 114 19.60 0.33 -1.48
C GLU A 114 18.45 -0.69 -1.28
N GLU A 115 17.22 -0.15 -1.19
CA GLU A 115 16.03 -1.04 -1.15
C GLU A 115 15.95 -1.84 -2.48
N ILE A 116 16.14 -1.16 -3.61
CA ILE A 116 16.08 -1.80 -4.92
C ILE A 116 17.21 -2.87 -5.04
N ARG A 117 18.38 -2.56 -4.50
CA ARG A 117 19.55 -3.43 -4.56
C ARG A 117 19.22 -4.70 -3.78
N ASP A 118 18.72 -4.53 -2.55
CA ASP A 118 18.56 -5.71 -1.74
C ASP A 118 17.29 -6.50 -2.07
N ASN A 119 16.28 -5.82 -2.63
CA ASN A 119 15.12 -6.53 -3.25
C ASN A 119 15.42 -7.19 -4.60
N VAL A 120 16.56 -6.79 -5.19
CA VAL A 120 16.95 -7.14 -6.54
C VAL A 120 15.78 -6.82 -7.44
N ASP A 121 15.34 -5.52 -7.41
CA ASP A 121 14.10 -5.24 -8.11
C ASP A 121 14.40 -4.75 -9.53
N GLY A 122 14.36 -5.67 -10.51
CA GLY A 122 14.87 -5.39 -11.86
C GLY A 122 14.14 -4.18 -12.46
N PRO A 123 12.82 -4.22 -12.46
CA PRO A 123 12.16 -3.16 -13.14
C PRO A 123 12.38 -1.78 -12.50
N ALA A 124 12.34 -1.71 -11.17
CA ALA A 124 12.73 -0.44 -10.51
C ALA A 124 14.13 0.02 -10.85
N LEU A 125 15.11 -0.90 -10.87
CA LEU A 125 16.48 -0.52 -11.18
C LEU A 125 16.55 0.04 -12.61
N VAL A 126 15.87 -0.64 -13.56
CA VAL A 126 15.88 -0.10 -14.97
C VAL A 126 15.37 1.32 -15.07
N ALA A 127 14.29 1.61 -14.36
CA ALA A 127 13.84 3.00 -14.27
C ALA A 127 14.92 3.98 -13.84
N HIS A 128 15.64 3.71 -12.73
CA HIS A 128 16.65 4.62 -12.21
C HIS A 128 17.85 4.68 -13.18
N HIS A 129 18.13 3.57 -13.85
CA HIS A 129 19.23 3.50 -14.81
C HIS A 129 18.93 4.45 -16.00
N TYR A 130 17.73 4.34 -16.55
CA TYR A 130 17.26 5.21 -17.63
C TYR A 130 17.35 6.68 -17.21
N VAL A 131 16.88 6.99 -15.99
CA VAL A 131 16.84 8.43 -15.62
C VAL A 131 18.22 9.03 -15.45
N ARG A 132 19.15 8.30 -14.87
CA ARG A 132 20.52 8.84 -14.73
C ARG A 132 21.31 8.65 -16.03
N TYR A 133 21.55 7.40 -16.45
CA TYR A 133 22.48 7.24 -17.58
C TYR A 133 22.02 7.74 -18.92
N LEU A 134 20.76 7.57 -19.27
CA LEU A 134 20.35 8.10 -20.56
C LEU A 134 20.43 9.63 -20.54
N GLY A 135 20.09 10.21 -19.39
CA GLY A 135 20.36 11.62 -19.15
C GLY A 135 21.79 12.00 -19.39
N ASP A 136 22.67 11.19 -18.85
CA ASP A 136 24.11 11.52 -18.86
C ASP A 136 24.62 11.44 -20.30
N LEU A 137 24.05 10.48 -21.02
CA LEU A 137 24.51 10.26 -22.43
C LEU A 137 23.92 11.31 -23.32
N SER A 138 22.78 11.87 -22.95
CA SER A 138 22.02 12.75 -23.80
C SER A 138 22.30 14.22 -23.66
N GLY A 139 22.23 14.71 -22.44
CA GLY A 139 22.50 16.12 -22.18
C GLY A 139 23.85 16.38 -21.51
N GLY A 140 24.65 15.30 -21.35
CA GLY A 140 25.87 15.37 -20.54
C GLY A 140 26.94 16.17 -21.19
N GLN A 141 26.99 16.16 -22.54
CA GLN A 141 28.00 16.98 -23.25
C GLN A 141 27.66 18.42 -23.09
N VAL A 142 26.36 18.73 -22.92
CA VAL A 142 25.99 20.13 -22.84
C VAL A 142 26.49 20.61 -21.45
N ILE A 143 26.31 19.79 -20.43
CA ILE A 143 26.77 20.16 -19.06
C ILE A 143 28.31 20.25 -19.09
N ALA A 144 28.98 19.30 -19.73
CA ALA A 144 30.47 19.40 -19.72
C ALA A 144 30.93 20.63 -20.48
N ARG A 145 30.26 20.98 -21.58
CA ARG A 145 30.66 22.12 -22.34
C ARG A 145 30.47 23.40 -21.51
N MET A 146 29.34 23.52 -20.78
CA MET A 146 29.07 24.75 -20.03
C MET A 146 30.05 24.87 -18.87
N MET A 147 30.41 23.74 -18.29
CA MET A 147 31.44 23.80 -17.19
C MET A 147 32.80 24.28 -17.68
N GLN A 148 33.22 23.77 -18.85
CA GLN A 148 34.46 24.29 -19.46
C GLN A 148 34.29 25.77 -19.82
N ARG A 149 33.15 26.13 -20.44
CA ARG A 149 33.01 27.49 -20.98
C ARG A 149 32.87 28.57 -19.87
N HIS A 150 31.97 28.33 -18.93
CA HIS A 150 31.67 29.33 -17.91
C HIS A 150 32.73 29.36 -16.81
N TYR A 151 33.29 28.20 -16.44
CA TYR A 151 34.06 28.06 -15.19
C TYR A 151 35.49 27.67 -15.39
N GLY A 152 35.87 27.34 -16.62
CA GLY A 152 37.25 26.95 -16.87
C GLY A 152 37.57 25.57 -16.35
N VAL A 153 36.54 24.73 -16.08
CA VAL A 153 36.83 23.43 -15.53
C VAL A 153 37.64 22.67 -16.58
N ASP A 154 38.70 22.01 -16.13
CA ASP A 154 39.63 21.30 -17.00
C ASP A 154 38.88 20.05 -17.51
N PRO A 155 39.01 19.68 -18.80
CA PRO A 155 38.24 18.48 -19.26
C PRO A 155 38.70 17.19 -18.59
N GLU A 156 39.92 17.14 -18.06
CA GLU A 156 40.30 15.96 -17.27
C GLU A 156 39.53 15.89 -15.96
N ALA A 157 38.82 16.95 -15.51
CA ALA A 157 37.96 16.84 -14.30
C ALA A 157 36.46 16.65 -14.66
N LEU A 158 36.22 16.32 -15.93
CA LEU A 158 34.85 16.13 -16.47
C LEU A 158 34.74 14.72 -17.02
N GLY A 159 35.62 13.83 -16.56
CA GLY A 159 35.55 12.40 -16.96
C GLY A 159 34.16 11.76 -16.85
N PHE A 160 33.38 12.23 -15.85
CA PHE A 160 32.03 11.68 -15.62
C PHE A 160 31.22 11.80 -16.94
N TYR A 161 31.43 12.89 -17.69
CA TYR A 161 30.67 13.12 -18.90
C TYR A 161 31.25 12.51 -20.19
N HIS A 162 32.45 11.99 -20.10
CA HIS A 162 33.15 11.52 -21.34
C HIS A 162 32.73 10.16 -21.83
N PHE A 163 32.27 9.29 -20.94
CA PHE A 163 31.99 7.89 -21.30
C PHE A 163 33.06 7.17 -22.12
N GLU A 164 34.24 7.08 -21.52
CA GLU A 164 35.35 6.31 -22.06
C GLU A 164 34.86 4.90 -22.41
N GLY A 165 35.14 4.47 -23.64
CA GLY A 165 34.78 3.17 -24.11
C GLY A 165 33.58 3.18 -25.04
N ILE A 166 32.88 4.29 -25.14
CA ILE A 166 31.87 4.42 -26.19
C ILE A 166 32.40 5.38 -27.26
N ALA A 167 32.41 4.90 -28.50
CA ALA A 167 32.85 5.66 -29.72
C ALA A 167 31.62 6.42 -30.28
N LYS A 168 30.74 5.69 -30.96
CA LYS A 168 29.55 6.29 -31.59
C LYS A 168 28.46 6.41 -30.57
N LEU A 169 28.16 7.63 -30.19
CA LEU A 169 27.30 7.84 -29.04
C LEU A 169 25.83 7.85 -29.42
N LYS A 170 25.46 8.44 -30.55
CA LYS A 170 24.04 8.43 -31.01
C LYS A 170 23.55 7.00 -31.23
N VAL A 171 24.39 6.18 -31.88
CA VAL A 171 24.12 4.75 -32.07
C VAL A 171 23.85 4.04 -30.70
N TYR A 172 24.68 4.36 -29.71
CA TYR A 172 24.61 3.70 -28.40
C TYR A 172 23.27 4.03 -27.76
N LYS A 173 22.86 5.29 -27.84
CA LYS A 173 21.56 5.74 -27.28
C LYS A 173 20.41 5.09 -28.01
N ASP A 174 20.51 5.00 -29.34
CA ASP A 174 19.49 4.31 -30.12
C ASP A 174 19.32 2.84 -29.68
N GLU A 175 20.45 2.12 -29.51
CA GLU A 175 20.43 0.70 -29.09
C GLU A 175 19.96 0.54 -27.65
N TYR A 176 20.26 1.54 -26.82
CA TYR A 176 19.77 1.54 -25.43
C TYR A 176 18.24 1.57 -25.47
N ARG A 177 17.68 2.51 -26.23
CA ARG A 177 16.22 2.52 -26.36
C ARG A 177 15.64 1.22 -26.94
N GLU A 178 16.35 0.56 -27.87
CA GLU A 178 15.79 -0.69 -28.42
C GLU A 178 15.89 -1.78 -27.33
N LYS A 179 16.87 -1.68 -26.44
CA LYS A 179 17.03 -2.69 -25.43
C LYS A 179 15.88 -2.51 -24.42
N LEU A 180 15.52 -1.28 -24.09
CA LEU A 180 14.29 -1.04 -23.28
C LEU A 180 13.01 -1.62 -23.87
N ASN A 181 12.76 -1.27 -25.13
CA ASN A 181 11.66 -1.84 -25.88
C ASN A 181 11.64 -3.36 -25.85
N ASN A 182 12.81 -4.01 -25.76
CA ASN A 182 12.87 -5.48 -25.87
C ASN A 182 12.77 -6.19 -24.53
N LEU A 183 12.72 -5.41 -23.45
CA LEU A 183 12.62 -6.02 -22.14
C LEU A 183 11.29 -6.72 -22.01
N GLU A 184 11.31 -7.96 -21.54
CA GLU A 184 10.11 -8.75 -21.25
C GLU A 184 9.50 -8.26 -19.89
N LEU A 185 8.38 -7.56 -19.93
CA LEU A 185 7.73 -7.05 -18.68
C LEU A 185 6.23 -7.34 -18.58
N SER A 186 5.80 -7.89 -17.45
CA SER A 186 4.36 -8.01 -17.17
C SER A 186 3.77 -6.60 -17.08
N ASP A 187 2.44 -6.47 -17.17
CA ASP A 187 1.83 -5.14 -17.04
C ASP A 187 2.20 -4.53 -15.69
N GLU A 188 2.17 -5.37 -14.65
CA GLU A 188 2.50 -4.92 -13.33
C GLU A 188 3.98 -4.44 -13.26
N GLN A 189 4.92 -5.23 -13.75
CA GLN A 189 6.29 -4.76 -13.75
C GLN A 189 6.48 -3.48 -14.55
N ARG A 190 5.80 -3.37 -15.69
CA ARG A 190 5.89 -2.14 -16.49
C ARG A 190 5.32 -0.90 -15.74
N GLU A 191 4.20 -1.06 -15.08
CA GLU A 191 3.61 0.02 -14.27
C GLU A 191 4.62 0.41 -13.18
N HIS A 192 5.19 -0.59 -12.49
CA HIS A 192 6.13 -0.35 -11.40
C HIS A 192 7.31 0.46 -11.89
N LEU A 193 7.83 0.04 -13.04
CA LEU A 193 8.94 0.72 -13.71
C LEU A 193 8.63 2.19 -14.05
N LEU A 194 7.43 2.46 -14.60
CA LEU A 194 7.08 3.80 -15.00
C LEU A 194 6.96 4.72 -13.81
N LYS A 195 6.35 4.19 -12.75
CA LYS A 195 6.19 4.98 -11.54
C LYS A 195 7.53 5.24 -10.93
N GLU A 196 8.40 4.22 -10.89
CA GLU A 196 9.71 4.45 -10.31
C GLU A 196 10.49 5.51 -11.10
N ALA A 197 10.30 5.52 -12.43
CA ALA A 197 11.03 6.53 -13.24
C ALA A 197 10.62 7.97 -12.83
N THR A 198 9.34 8.18 -12.63
CA THR A 198 8.93 9.50 -12.17
C THR A 198 9.56 9.81 -10.79
N ASP A 199 9.53 8.83 -9.87
CA ASP A 199 10.14 9.01 -8.54
C ASP A 199 11.59 9.32 -8.69
N ALA A 200 12.29 8.60 -9.60
CA ALA A 200 13.69 8.99 -9.89
C ALA A 200 13.89 10.49 -10.24
N PHE A 201 13.01 11.08 -11.05
CA PHE A 201 13.19 12.48 -11.36
C PHE A 201 12.87 13.33 -10.15
N VAL A 202 11.86 12.88 -9.38
CA VAL A 202 11.55 13.60 -8.18
C VAL A 202 12.74 13.65 -7.23
N PHE A 203 13.44 12.54 -7.01
CA PHE A 203 14.61 12.50 -6.13
C PHE A 203 15.65 13.48 -6.64
N ASN A 204 15.91 13.38 -7.95
CA ASN A 204 16.90 14.30 -8.54
C ASN A 204 16.56 15.75 -8.41
N HIS A 205 15.30 16.11 -8.60
CA HIS A 205 14.94 17.52 -8.40
C HIS A 205 15.25 17.90 -6.93
N GLN A 206 14.88 17.00 -5.97
CA GLN A 206 15.06 17.43 -4.60
C GLN A 206 16.59 17.55 -4.29
N VAL A 207 17.42 16.73 -4.96
CA VAL A 207 18.89 16.85 -4.78
C VAL A 207 19.34 18.28 -5.19
N PHE A 208 18.83 18.77 -6.33
CA PHE A 208 19.20 20.13 -6.81
C PHE A 208 18.61 21.16 -5.84
N ALA A 209 17.39 20.92 -5.34
CA ALA A 209 16.81 21.86 -4.35
C ALA A 209 17.71 21.98 -3.10
N ASP A 210 18.17 20.85 -2.58
CA ASP A 210 18.99 20.87 -1.39
C ASP A 210 20.34 21.51 -1.68
N LEU A 211 20.89 21.26 -2.89
CA LEU A 211 22.10 21.96 -3.31
C LEU A 211 21.94 23.48 -3.34
N GLY A 212 20.76 23.94 -3.76
CA GLY A 212 20.48 25.35 -3.90
C GLY A 212 20.43 25.96 -2.53
N LYS A 213 20.03 25.17 -1.51
CA LYS A 213 19.85 25.69 -0.13
C LYS A 213 21.09 25.91 0.79
N GLY B 7 9.16 24.75 19.70
CA GLY B 7 8.01 24.28 18.90
C GLY B 7 7.49 22.95 19.39
N LEU B 8 6.25 22.63 19.04
CA LEU B 8 5.68 21.42 19.49
C LEU B 8 6.46 20.20 18.95
N ALA B 9 6.98 20.26 17.72
CA ALA B 9 7.69 19.02 17.19
C ALA B 9 8.88 18.66 18.08
N VAL B 10 9.62 19.70 18.46
CA VAL B 10 10.81 19.46 19.27
C VAL B 10 10.37 19.06 20.67
N GLU B 11 9.34 19.72 21.17
CA GLU B 11 8.80 19.31 22.44
C GLU B 11 8.26 17.88 22.55
N LEU B 12 7.51 17.42 21.53
CA LEU B 12 7.11 16.03 21.45
C LEU B 12 8.31 15.09 21.47
N LYS B 13 9.35 15.38 20.67
CA LYS B 13 10.52 14.50 20.64
C LYS B 13 11.14 14.42 22.06
N GLN B 14 11.38 15.58 22.65
CA GLN B 14 12.02 15.65 23.98
C GLN B 14 11.14 15.15 25.15
N SER B 15 9.87 15.55 25.17
CA SER B 15 8.96 15.19 26.23
C SER B 15 8.70 13.67 26.25
N THR B 16 8.73 13.01 25.09
CA THR B 16 8.54 11.55 25.05
C THR B 16 9.84 10.72 25.06
N ALA B 17 10.99 11.37 25.27
CA ALA B 17 12.26 10.65 25.02
C ALA B 17 12.43 9.42 25.89
N GLN B 18 12.09 9.53 27.18
CA GLN B 18 12.18 8.43 28.14
C GLN B 18 11.30 7.17 27.74
N ALA B 19 9.98 7.38 27.71
CA ALA B 19 9.02 6.42 27.15
C ALA B 19 9.38 5.85 25.74
N HIS B 20 9.83 6.71 24.81
CA HIS B 20 10.32 6.25 23.46
C HIS B 20 11.50 5.24 23.62
N GLU B 21 12.50 5.64 24.41
CA GLU B 21 13.69 4.80 24.63
C GLU B 21 13.26 3.43 25.24
N LYS B 22 12.37 3.44 26.27
CA LYS B 22 11.88 2.17 26.82
C LYS B 22 11.18 1.32 25.76
N ALA B 23 10.29 1.93 24.98
CA ALA B 23 9.53 1.19 23.95
C ALA B 23 10.53 0.55 22.91
N GLU B 24 11.44 1.39 22.42
CA GLU B 24 12.42 0.94 21.42
C GLU B 24 13.30 -0.22 21.94
N HIS B 25 13.72 -0.14 23.21
CA HIS B 25 14.59 -1.13 23.81
C HIS B 25 13.85 -2.30 24.50
N SER B 26 12.53 -2.43 24.32
CA SER B 26 11.90 -3.65 24.79
C SER B 26 12.66 -4.95 24.30
N THR B 27 12.68 -5.97 25.14
CA THR B 27 13.29 -7.26 24.79
C THR B 27 12.67 -7.86 23.51
N PHE B 28 11.34 -7.71 23.35
CA PHE B 28 10.74 -8.31 22.18
C PHE B 28 11.18 -7.61 20.91
N MET B 29 11.17 -6.30 20.91
CA MET B 29 11.48 -5.66 19.66
C MET B 29 12.99 -5.84 19.41
N SER B 30 13.80 -5.82 20.46
CA SER B 30 15.27 -5.98 20.24
C SER B 30 15.49 -7.40 19.61
N ASP B 31 14.90 -8.43 20.21
CA ASP B 31 15.04 -9.77 19.70
C ASP B 31 14.53 -9.87 18.27
N LEU B 32 13.39 -9.23 17.96
CA LEU B 32 12.76 -9.40 16.65
C LEU B 32 13.67 -8.73 15.61
N LEU B 33 14.16 -7.55 15.90
CA LEU B 33 15.01 -6.78 14.94
C LEU B 33 16.39 -7.35 14.76
N LYS B 34 16.87 -8.06 15.78
CA LYS B 34 18.16 -8.75 15.66
C LYS B 34 18.07 -10.15 15.03
N GLY B 35 16.86 -10.61 14.66
CA GLY B 35 16.75 -11.89 13.95
C GLY B 35 16.74 -13.08 14.90
N ARG B 36 16.46 -12.81 16.18
CA ARG B 36 16.47 -13.84 17.21
C ARG B 36 15.13 -14.58 17.33
N LEU B 37 14.06 -14.00 16.76
CA LEU B 37 12.76 -14.66 16.76
C LEU B 37 12.47 -15.26 15.38
N GLY B 38 11.35 -14.93 14.75
CA GLY B 38 10.98 -15.66 13.54
C GLY B 38 9.82 -14.98 12.87
N VAL B 39 9.44 -15.50 11.69
CA VAL B 39 8.30 -14.94 10.96
C VAL B 39 7.03 -15.07 11.77
N ALA B 40 6.93 -16.11 12.62
CA ALA B 40 5.74 -16.24 13.51
C ALA B 40 5.53 -15.00 14.38
N GLU B 41 6.59 -14.62 15.08
CA GLU B 41 6.49 -13.42 15.95
C GLU B 41 6.25 -12.15 15.22
N PHE B 42 6.93 -11.97 14.06
CA PHE B 42 6.60 -10.78 13.24
C PHE B 42 5.09 -10.75 12.81
N THR B 43 4.55 -11.91 12.42
CA THR B 43 3.21 -12.00 12.01
C THR B 43 2.30 -11.62 13.19
N ARG B 44 2.60 -12.15 14.38
CA ARG B 44 1.79 -11.76 15.56
C ARG B 44 1.83 -10.29 15.82
N LEU B 45 3.02 -9.64 15.63
CA LEU B 45 3.09 -8.21 15.83
C LEU B 45 2.12 -7.53 14.87
N GLN B 46 2.13 -7.93 13.57
CA GLN B 46 1.34 -7.28 12.61
C GLN B 46 -0.16 -7.53 12.80
N GLU B 47 -0.52 -8.68 13.33
CA GLU B 47 -1.94 -8.96 13.69
C GLU B 47 -2.40 -7.95 14.76
N GLN B 48 -1.58 -7.75 15.74
CA GLN B 48 -1.93 -6.73 16.84
C GLN B 48 -1.98 -5.32 16.26
N ALA B 49 -1.02 -4.98 15.35
CA ALA B 49 -1.04 -3.68 14.75
C ALA B 49 -2.30 -3.46 13.94
N TRP B 50 -2.81 -4.48 13.22
CA TRP B 50 -4.02 -4.28 12.39
C TRP B 50 -5.18 -3.92 13.40
N LEU B 51 -5.20 -4.58 14.56
CA LEU B 51 -6.28 -4.21 15.50
C LEU B 51 -6.14 -2.75 15.98
N PHE B 52 -4.95 -2.32 16.35
CA PHE B 52 -4.88 -0.94 16.91
C PHE B 52 -4.81 0.11 15.84
N TYR B 53 -4.24 -0.16 14.66
CA TYR B 53 -4.37 0.88 13.62
C TYR B 53 -5.80 1.02 13.18
N THR B 54 -6.60 -0.07 13.16
CA THR B 54 -8.02 0.01 12.79
C THR B 54 -8.61 1.06 13.78
N ALA B 55 -8.41 0.85 15.05
CA ALA B 55 -9.00 1.80 16.03
C ALA B 55 -8.38 3.22 15.91
N LEU B 56 -7.10 3.29 15.69
CA LEU B 56 -6.48 4.65 15.52
C LEU B 56 -7.05 5.38 14.36
N GLU B 57 -7.25 4.70 13.22
CA GLU B 57 -7.74 5.38 12.04
C GLU B 57 -9.24 5.77 12.12
N GLN B 58 -9.96 5.02 12.97
CA GLN B 58 -11.38 5.46 13.19
C GLN B 58 -11.30 6.78 14.04
N ALA B 59 -10.37 6.82 14.93
CA ALA B 59 -10.23 8.05 15.75
C ALA B 59 -9.76 9.21 14.83
N VAL B 60 -8.76 8.96 13.98
CA VAL B 60 -8.28 10.03 13.06
C VAL B 60 -9.46 10.49 12.21
N ASP B 61 -10.32 9.59 11.67
CA ASP B 61 -11.40 10.00 10.79
C ASP B 61 -12.37 10.88 11.58
N ALA B 62 -12.62 10.52 12.84
CA ALA B 62 -13.62 11.36 13.65
C ALA B 62 -13.01 12.75 13.89
N VAL B 63 -11.71 12.80 14.18
CA VAL B 63 -11.09 14.08 14.54
C VAL B 63 -10.97 14.94 13.27
N ARG B 64 -10.56 14.30 12.15
CA ARG B 64 -10.53 15.07 10.89
C ARG B 64 -11.91 15.63 10.51
N ALA B 65 -12.98 14.86 10.75
CA ALA B 65 -14.37 15.31 10.44
C ALA B 65 -14.79 16.51 11.26
N SER B 66 -14.11 16.67 12.40
CA SER B 66 -14.41 17.82 13.28
C SER B 66 -13.59 19.04 12.93
N GLY B 67 -12.70 18.90 11.93
CA GLY B 67 -11.99 20.04 11.38
C GLY B 67 -10.73 20.35 12.16
N PHE B 68 -10.21 19.45 12.98
CA PHE B 68 -9.06 19.70 13.80
C PHE B 68 -7.85 19.03 13.14
N ALA B 69 -6.79 19.83 12.98
CA ALA B 69 -5.47 19.27 12.42
C ALA B 69 -5.63 18.61 11.09
N GLU B 70 -6.54 19.13 10.24
CA GLU B 70 -6.86 18.42 9.01
C GLU B 70 -5.64 18.14 8.18
N SER B 71 -4.78 19.14 8.02
CA SER B 71 -3.65 18.90 7.05
C SER B 71 -2.66 17.90 7.61
N LEU B 72 -2.60 17.75 8.92
CA LEU B 72 -1.73 16.76 9.52
C LEU B 72 -2.29 15.35 9.26
N LEU B 73 -3.59 15.23 9.27
CA LEU B 73 -4.25 13.91 9.31
C LEU B 73 -4.46 13.42 7.89
N ASP B 74 -3.32 13.20 7.18
CA ASP B 74 -3.31 12.92 5.73
C ASP B 74 -3.79 11.48 5.56
N PRO B 75 -4.88 11.24 4.82
CA PRO B 75 -5.34 9.84 4.66
C PRO B 75 -4.37 8.94 3.94
N ALA B 76 -3.39 9.52 3.26
CA ALA B 76 -2.32 8.71 2.65
C ALA B 76 -1.51 7.91 3.64
N LEU B 77 -1.56 8.28 4.95
CA LEU B 77 -0.83 7.59 5.99
C LEU B 77 -1.56 6.33 6.40
N ASN B 78 -2.86 6.21 6.05
CA ASN B 78 -3.63 5.05 6.59
C ASN B 78 -2.94 3.74 6.36
N ARG B 79 -2.89 2.94 7.41
CA ARG B 79 -2.17 1.65 7.37
C ARG B 79 -3.06 0.45 7.49
N ALA B 80 -4.33 0.58 7.98
CA ALA B 80 -4.99 -0.66 8.38
C ALA B 80 -5.31 -1.58 7.23
N GLU B 81 -5.73 -0.99 6.11
CA GLU B 81 -6.07 -1.86 4.94
C GLU B 81 -4.78 -2.47 4.39
N VAL B 82 -3.69 -1.70 4.40
CA VAL B 82 -2.34 -2.30 3.99
C VAL B 82 -1.94 -3.45 4.86
N LEU B 83 -2.06 -3.30 6.17
CA LEU B 83 -1.76 -4.37 7.13
C LEU B 83 -2.58 -5.60 6.83
N ALA B 84 -3.88 -5.42 6.53
CA ALA B 84 -4.67 -6.63 6.29
C ALA B 84 -4.18 -7.32 5.02
N ARG B 85 -3.78 -6.56 4.01
CA ARG B 85 -3.19 -7.26 2.81
C ARG B 85 -1.88 -7.92 3.16
N ASP B 86 -1.04 -7.30 3.95
CA ASP B 86 0.18 -8.01 4.37
C ASP B 86 -0.12 -9.32 5.09
N LEU B 87 -1.14 -9.28 5.97
CA LEU B 87 -1.47 -10.47 6.75
C LEU B 87 -2.04 -11.57 5.79
N ASP B 88 -2.81 -11.14 4.80
CA ASP B 88 -3.35 -12.10 3.77
C ASP B 88 -2.11 -12.75 3.10
N LYS B 89 -1.07 -11.96 2.85
CA LYS B 89 0.11 -12.55 2.17
C LYS B 89 0.90 -13.40 3.11
N LEU B 90 1.16 -12.93 4.37
CA LEU B 90 1.88 -13.71 5.33
C LEU B 90 1.18 -15.04 5.60
N ASN B 91 -0.16 -14.98 5.75
CA ASN B 91 -0.92 -16.24 6.09
C ASN B 91 -1.37 -17.03 4.83
N GLY B 92 -1.36 -16.41 3.65
CA GLY B 92 -1.79 -17.02 2.42
C GLY B 92 -3.29 -17.26 2.26
N SER B 93 -4.04 -16.56 3.12
CA SER B 93 -5.47 -16.76 3.19
C SER B 93 -6.02 -15.63 4.04
N SER B 94 -7.32 -15.39 3.91
CA SER B 94 -8.00 -14.37 4.69
C SER B 94 -8.34 -14.86 6.09
N GLU B 95 -8.14 -16.15 6.35
CA GLU B 95 -8.66 -16.84 7.55
C GLU B 95 -8.07 -16.38 8.94
N TRP B 96 -6.95 -15.68 8.95
CA TRP B 96 -6.35 -15.14 10.19
C TRP B 96 -7.42 -14.27 10.86
N ARG B 97 -8.36 -13.77 10.09
CA ARG B 97 -9.44 -12.90 10.68
C ARG B 97 -10.26 -13.67 11.70
N SER B 98 -10.30 -14.98 11.61
CA SER B 98 -11.05 -15.81 12.53
C SER B 98 -10.28 -16.26 13.66
N ARG B 99 -8.97 -16.01 13.74
CA ARG B 99 -8.15 -16.55 14.78
C ARG B 99 -7.69 -15.43 15.82
N ILE B 100 -7.59 -14.27 15.35
CA ILE B 100 -6.89 -13.21 16.05
C ILE B 100 -7.69 -12.58 17.18
N THR B 101 -6.96 -12.14 18.19
CA THR B 101 -7.64 -11.35 19.26
C THR B 101 -6.64 -10.37 19.87
N ALA B 102 -7.14 -9.25 20.36
CA ALA B 102 -6.24 -8.23 20.98
C ALA B 102 -5.63 -8.76 22.23
N SER B 103 -4.28 -8.70 22.38
CA SER B 103 -3.70 -8.99 23.69
C SER B 103 -4.16 -8.01 24.76
N PRO B 104 -3.91 -8.32 26.02
CA PRO B 104 -4.37 -7.40 27.08
C PRO B 104 -3.89 -5.99 26.88
N ALA B 105 -2.60 -5.81 26.50
CA ALA B 105 -2.20 -4.46 26.21
C ALA B 105 -2.86 -3.76 25.04
N VAL B 106 -3.16 -4.51 23.98
CA VAL B 106 -3.89 -3.98 22.84
C VAL B 106 -5.30 -3.66 23.21
N ILE B 107 -5.90 -4.44 24.13
CA ILE B 107 -7.26 -4.08 24.54
C ILE B 107 -7.25 -2.68 25.21
N ASP B 108 -6.24 -2.46 26.05
CA ASP B 108 -6.14 -1.16 26.75
C ASP B 108 -5.93 -0.04 25.72
N TYR B 109 -5.04 -0.27 24.76
CA TYR B 109 -4.74 0.75 23.74
C TYR B 109 -5.93 1.05 22.85
N VAL B 110 -6.63 0.00 22.36
CA VAL B 110 -7.83 0.18 21.55
C VAL B 110 -8.88 0.92 22.39
N ASN B 111 -8.97 0.59 23.68
CA ASN B 111 -10.01 1.27 24.50
C ASN B 111 -9.74 2.81 24.54
N ARG B 112 -8.43 3.17 24.69
CA ARG B 112 -8.11 4.62 24.78
C ARG B 112 -8.39 5.24 23.43
N LEU B 113 -8.02 4.54 22.30
CA LEU B 113 -8.26 5.14 21.00
C LEU B 113 -9.77 5.34 20.73
N GLU B 114 -10.61 4.41 21.18
CA GLU B 114 -12.04 4.53 20.98
C GLU B 114 -12.61 5.63 21.90
N GLU B 115 -12.01 5.85 23.05
CA GLU B 115 -12.42 6.98 23.92
C GLU B 115 -12.10 8.27 23.20
N ILE B 116 -10.91 8.33 22.59
CA ILE B 116 -10.53 9.52 21.85
C ILE B 116 -11.46 9.83 20.72
N ARG B 117 -11.88 8.75 19.99
CA ARG B 117 -12.83 8.87 18.91
C ARG B 117 -14.19 9.42 19.42
N ASP B 118 -14.67 8.75 20.46
CA ASP B 118 -16.07 9.03 21.00
C ASP B 118 -16.06 10.46 21.59
N ASN B 119 -14.96 10.84 22.23
CA ASN B 119 -14.89 12.23 22.81
C ASN B 119 -14.44 13.27 21.78
N VAL B 120 -14.01 12.84 20.60
CA VAL B 120 -13.46 13.73 19.55
C VAL B 120 -12.32 14.60 20.15
N ASP B 121 -11.37 13.92 20.78
CA ASP B 121 -10.27 14.59 21.46
C ASP B 121 -9.17 14.86 20.50
N GLY B 122 -9.21 16.01 19.88
CA GLY B 122 -8.26 16.31 18.78
C GLY B 122 -6.82 16.29 19.28
N PRO B 123 -6.48 17.04 20.34
CA PRO B 123 -5.08 16.98 20.84
C PRO B 123 -4.58 15.64 21.23
N ALA B 124 -5.39 14.82 21.89
CA ALA B 124 -4.97 13.44 22.25
C ALA B 124 -4.76 12.59 20.96
N LEU B 125 -5.63 12.81 20.01
CA LEU B 125 -5.45 12.04 18.71
C LEU B 125 -4.11 12.43 18.08
N VAL B 126 -3.83 13.72 18.02
CA VAL B 126 -2.53 14.17 17.43
C VAL B 126 -1.33 13.50 18.10
N ALA B 127 -1.37 13.36 19.42
CA ALA B 127 -0.33 12.64 20.18
C ALA B 127 -0.20 11.20 19.59
N HIS B 128 -1.31 10.50 19.52
CA HIS B 128 -1.22 9.14 19.01
C HIS B 128 -0.73 9.06 17.58
N HIS B 129 -1.16 10.03 16.78
CA HIS B 129 -0.78 10.04 15.29
C HIS B 129 0.70 10.21 15.21
N TYR B 130 1.27 11.11 16.06
CA TYR B 130 2.75 11.34 16.05
C TYR B 130 3.48 10.07 16.44
N VAL B 131 3.04 9.42 17.51
CA VAL B 131 3.78 8.25 18.02
C VAL B 131 3.77 7.15 16.96
N ARG B 132 2.66 6.88 16.34
CA ARG B 132 2.60 5.78 15.34
C ARG B 132 3.18 6.24 14.03
N TYR B 133 2.59 7.23 13.39
CA TYR B 133 3.00 7.50 11.96
C TYR B 133 4.35 8.10 11.85
N LEU B 134 4.76 9.03 12.73
CA LEU B 134 6.11 9.59 12.50
C LEU B 134 7.15 8.49 12.76
N GLY B 135 6.88 7.57 13.69
CA GLY B 135 7.70 6.34 13.86
C GLY B 135 7.78 5.48 12.58
N ASP B 136 6.62 5.30 11.94
CA ASP B 136 6.58 4.45 10.73
C ASP B 136 7.34 5.10 9.65
N LEU B 137 7.22 6.42 9.53
CA LEU B 137 7.91 7.17 8.46
C LEU B 137 9.38 7.23 8.76
N SER B 138 9.77 7.12 10.02
CA SER B 138 11.20 7.24 10.31
C SER B 138 11.89 5.91 10.21
N GLY B 139 11.46 4.99 10.99
CA GLY B 139 12.01 3.65 10.96
C GLY B 139 11.58 2.60 9.92
N GLY B 140 10.62 2.89 9.04
CA GLY B 140 9.89 1.82 8.41
C GLY B 140 10.72 1.12 7.39
N GLN B 141 11.50 1.88 6.65
CA GLN B 141 12.37 1.28 5.60
C GLN B 141 13.30 0.33 6.33
N VAL B 142 13.69 0.71 7.55
CA VAL B 142 14.82 -0.07 8.17
C VAL B 142 14.26 -1.31 8.87
N ILE B 143 13.11 -1.21 9.55
CA ILE B 143 12.49 -2.45 10.12
C ILE B 143 12.12 -3.42 9.00
N ALA B 144 11.53 -2.95 7.91
CA ALA B 144 11.20 -3.83 6.79
C ALA B 144 12.48 -4.59 6.24
N ARG B 145 13.58 -3.84 6.10
CA ARG B 145 14.85 -4.42 5.73
C ARG B 145 15.31 -5.50 6.68
N MET B 146 15.16 -5.27 8.00
CA MET B 146 15.59 -6.28 8.96
C MET B 146 14.73 -7.51 8.90
N MET B 147 13.41 -7.33 8.67
CA MET B 147 12.55 -8.52 8.42
C MET B 147 12.86 -9.40 7.18
N GLN B 148 13.20 -8.70 6.10
CA GLN B 148 13.62 -9.37 4.92
C GLN B 148 14.94 -10.10 5.19
N ARG B 149 15.88 -9.39 5.83
CA ARG B 149 17.20 -9.96 5.97
C ARG B 149 17.10 -11.18 6.87
N HIS B 150 16.56 -10.98 8.07
CA HIS B 150 16.54 -12.08 9.06
C HIS B 150 15.59 -13.21 8.77
N TYR B 151 14.41 -12.89 8.23
CA TYR B 151 13.38 -13.91 8.14
C TYR B 151 12.97 -14.26 6.73
N GLY B 152 13.58 -13.56 5.76
CA GLY B 152 13.17 -13.77 4.39
C GLY B 152 11.79 -13.30 4.00
N VAL B 153 11.17 -12.41 4.82
CA VAL B 153 9.85 -11.97 4.44
C VAL B 153 9.91 -11.24 3.08
N ASP B 154 8.95 -11.55 2.22
CA ASP B 154 8.82 -10.99 0.88
C ASP B 154 8.36 -9.57 0.97
N PRO B 155 8.90 -8.66 0.15
CA PRO B 155 8.42 -7.27 0.16
C PRO B 155 6.94 -7.10 0.02
N GLU B 156 6.29 -8.03 -0.65
CA GLU B 156 4.84 -7.98 -0.77
C GLU B 156 4.12 -8.14 0.59
N ALA B 157 4.83 -8.62 1.58
CA ALA B 157 4.16 -8.78 2.91
C ALA B 157 4.63 -7.69 3.86
N LEU B 158 5.20 -6.65 3.31
CA LEU B 158 5.84 -5.56 4.15
C LEU B 158 5.34 -4.24 3.64
N GLY B 159 4.13 -4.29 3.05
CA GLY B 159 3.50 -3.06 2.55
C GLY B 159 3.28 -2.04 3.68
N PHE B 160 3.11 -2.54 4.90
CA PHE B 160 2.91 -1.61 6.03
C PHE B 160 3.99 -0.55 6.12
N TYR B 161 5.23 -1.00 5.78
CA TYR B 161 6.40 -0.09 5.91
C TYR B 161 6.63 0.87 4.76
N HIS B 162 5.83 0.74 3.70
CA HIS B 162 6.04 1.51 2.51
C HIS B 162 4.82 2.44 2.35
N PHE B 163 5.08 3.72 2.10
CA PHE B 163 3.97 4.64 1.93
C PHE B 163 3.89 5.01 0.48
N GLU B 164 2.88 4.41 -0.20
CA GLU B 164 2.62 4.64 -1.62
C GLU B 164 2.44 6.14 -1.82
N GLY B 165 3.08 6.68 -2.86
CA GLY B 165 2.93 8.14 -3.00
C GLY B 165 3.50 9.05 -1.88
N ILE B 166 4.42 8.54 -1.06
CA ILE B 166 5.35 9.46 -0.42
C ILE B 166 6.78 9.03 -0.83
N ALA B 167 7.35 9.58 -1.89
CA ALA B 167 8.73 9.21 -2.31
C ALA B 167 9.79 9.91 -1.40
N LYS B 168 9.52 11.19 -1.13
CA LYS B 168 10.57 12.00 -0.48
C LYS B 168 10.24 11.99 1.02
N LEU B 169 10.70 10.98 1.70
CA LEU B 169 10.27 10.80 3.12
C LEU B 169 10.84 11.95 4.01
N LYS B 170 12.05 12.46 3.68
CA LYS B 170 12.58 13.58 4.45
C LYS B 170 11.77 14.79 4.32
N VAL B 171 11.39 15.14 3.07
CA VAL B 171 10.56 16.31 2.89
C VAL B 171 9.20 16.15 3.62
N TYR B 172 8.64 14.96 3.52
CA TYR B 172 7.32 14.77 4.19
C TYR B 172 7.46 14.85 5.70
N LYS B 173 8.52 14.27 6.29
CA LYS B 173 8.68 14.39 7.75
C LYS B 173 8.90 15.85 8.13
N ASP B 174 9.68 16.60 7.33
CA ASP B 174 9.87 17.97 7.67
C ASP B 174 8.53 18.73 7.69
N GLU B 175 7.71 18.47 6.69
CA GLU B 175 6.44 19.11 6.52
C GLU B 175 5.50 18.69 7.67
N TYR B 176 5.57 17.44 8.07
CA TYR B 176 4.80 16.92 9.26
C TYR B 176 5.18 17.71 10.52
N ARG B 177 6.51 17.82 10.80
CA ARG B 177 6.99 18.66 11.92
C ARG B 177 6.52 20.09 11.82
N GLU B 178 6.50 20.67 10.62
CA GLU B 178 6.09 22.03 10.43
C GLU B 178 4.59 22.15 10.73
N LYS B 179 3.82 21.12 10.34
CA LYS B 179 2.36 21.11 10.67
C LYS B 179 2.21 21.03 12.19
N LEU B 180 3.02 20.23 12.89
CA LEU B 180 2.94 20.18 14.35
C LEU B 180 3.19 21.53 14.91
N ASN B 181 4.26 22.16 14.45
CA ASN B 181 4.57 23.52 14.95
C ASN B 181 3.48 24.53 14.65
N ASN B 182 2.81 24.40 13.54
CA ASN B 182 1.69 25.34 13.20
C ASN B 182 0.29 25.12 13.79
N LEU B 183 0.14 24.06 14.56
CA LEU B 183 -1.12 23.78 15.20
C LEU B 183 -1.32 24.75 16.34
N GLU B 184 -2.43 25.45 16.28
CA GLU B 184 -2.73 26.48 17.29
C GLU B 184 -3.28 25.66 18.49
N LEU B 185 -2.60 25.66 19.61
CA LEU B 185 -3.08 24.90 20.78
C LEU B 185 -3.07 25.88 21.95
N SER B 186 -4.15 25.84 22.75
CA SER B 186 -4.05 26.53 24.01
C SER B 186 -3.05 25.80 24.94
N ASP B 187 -2.73 26.48 26.07
CA ASP B 187 -1.86 25.85 27.03
C ASP B 187 -2.43 24.54 27.49
N GLU B 188 -3.74 24.47 27.85
CA GLU B 188 -4.26 23.19 28.35
C GLU B 188 -4.21 22.14 27.23
N GLN B 189 -4.50 22.53 26.01
CA GLN B 189 -4.51 21.52 24.93
C GLN B 189 -3.08 20.95 24.80
N ARG B 190 -2.10 21.85 24.81
CA ARG B 190 -0.70 21.39 24.58
C ARG B 190 -0.26 20.46 25.68
N GLU B 191 -0.64 20.80 26.94
CA GLU B 191 -0.26 19.96 28.05
C GLU B 191 -0.95 18.60 27.93
N HIS B 192 -2.23 18.59 27.54
CA HIS B 192 -2.94 17.36 27.41
C HIS B 192 -2.31 16.49 26.26
N LEU B 193 -1.98 17.12 25.13
CA LEU B 193 -1.34 16.42 23.96
C LEU B 193 -0.02 15.80 24.43
N LEU B 194 0.80 16.57 25.15
CA LEU B 194 2.11 16.03 25.52
C LEU B 194 2.00 14.87 26.54
N LYS B 195 1.06 14.96 27.48
CA LYS B 195 0.80 13.83 28.43
C LYS B 195 0.36 12.59 27.62
N GLU B 196 -0.54 12.82 26.65
CA GLU B 196 -1.05 11.71 25.86
C GLU B 196 0.09 11.08 25.06
N ALA B 197 1.08 11.87 24.58
CA ALA B 197 2.11 11.24 23.69
C ALA B 197 2.97 10.25 24.53
N THR B 198 3.29 10.61 25.77
CA THR B 198 3.94 9.66 26.68
C THR B 198 3.09 8.42 26.94
N ASP B 199 1.77 8.62 27.09
CA ASP B 199 0.87 7.46 27.31
C ASP B 199 0.90 6.58 26.09
N ALA B 200 0.96 7.18 24.90
CA ALA B 200 0.91 6.44 23.67
C ALA B 200 2.21 5.57 23.55
N PHE B 201 3.36 6.14 23.90
CA PHE B 201 4.56 5.32 23.84
C PHE B 201 4.48 4.16 24.84
N VAL B 202 3.91 4.41 26.01
CA VAL B 202 3.71 3.40 27.01
C VAL B 202 2.79 2.26 26.53
N PHE B 203 1.68 2.62 25.91
CA PHE B 203 0.78 1.58 25.29
C PHE B 203 1.60 0.75 24.36
N ASN B 204 2.34 1.40 23.46
CA ASN B 204 3.18 0.57 22.54
C ASN B 204 4.22 -0.33 23.19
N HIS B 205 4.90 0.17 24.23
CA HIS B 205 5.84 -0.65 25.00
C HIS B 205 5.12 -1.89 25.59
N GLN B 206 3.89 -1.70 26.08
CA GLN B 206 3.20 -2.83 26.67
C GLN B 206 2.70 -3.82 25.62
N VAL B 207 2.45 -3.37 24.39
CA VAL B 207 2.11 -4.33 23.27
C VAL B 207 3.33 -5.26 23.09
N PHE B 208 4.50 -4.65 23.01
CA PHE B 208 5.74 -5.49 22.87
C PHE B 208 5.95 -6.42 24.06
N ALA B 209 5.67 -5.98 25.29
CA ALA B 209 5.85 -6.79 26.46
C ALA B 209 4.93 -8.01 26.36
N ASP B 210 3.70 -7.76 25.98
CA ASP B 210 2.83 -8.93 25.79
C ASP B 210 3.31 -9.89 24.74
N LEU B 211 3.81 -9.37 23.62
CA LEU B 211 4.26 -10.27 22.53
C LEU B 211 5.47 -11.04 23.01
N GLY B 212 6.30 -10.40 23.84
CA GLY B 212 7.57 -11.02 24.24
C GLY B 212 7.32 -12.18 25.22
N LYS B 213 6.21 -12.12 25.95
CA LYS B 213 5.92 -13.05 26.99
C LYS B 213 5.23 -14.24 26.36
N GLY B 214 4.69 -14.11 25.18
CA GLY B 214 3.87 -15.21 24.62
C GLY B 214 2.37 -14.97 24.51
N LEU B 215 1.94 -13.73 24.75
CA LEU B 215 0.57 -13.32 24.57
C LEU B 215 0.33 -12.65 23.24
N THR C 3 -24.95 -27.18 -25.09
CA THR C 3 -25.70 -26.29 -26.03
C THR C 3 -26.29 -25.07 -25.30
N ALA C 4 -25.76 -23.87 -25.58
CA ALA C 4 -26.45 -22.63 -25.16
C ALA C 4 -27.71 -22.36 -26.03
N THR C 5 -28.78 -23.03 -25.64
CA THR C 5 -30.10 -22.50 -25.91
C THR C 5 -30.48 -21.64 -24.62
N ALA C 6 -30.95 -20.41 -24.88
CA ALA C 6 -31.26 -19.32 -23.92
C ALA C 6 -30.06 -18.47 -23.47
N GLY C 7 -30.29 -17.18 -23.20
CA GLY C 7 -29.18 -16.36 -22.68
C GLY C 7 -28.71 -16.87 -21.32
N LEU C 8 -27.47 -16.56 -20.96
CA LEU C 8 -26.95 -17.11 -19.72
C LEU C 8 -27.77 -16.66 -18.49
N ALA C 9 -28.26 -15.45 -18.52
CA ALA C 9 -28.99 -14.94 -17.34
C ALA C 9 -30.24 -15.81 -17.08
N VAL C 10 -30.99 -16.10 -18.17
CA VAL C 10 -32.09 -17.05 -18.12
C VAL C 10 -31.73 -18.47 -17.67
N GLU C 11 -30.67 -19.03 -18.28
CA GLU C 11 -30.30 -20.35 -17.89
C GLU C 11 -29.82 -20.44 -16.41
N LEU C 12 -29.15 -19.39 -15.90
CA LEU C 12 -28.73 -19.34 -14.49
C LEU C 12 -29.92 -19.45 -13.60
N LYS C 13 -30.91 -18.61 -13.90
CA LYS C 13 -32.15 -18.58 -13.10
C LYS C 13 -32.85 -19.93 -13.07
N GLN C 14 -32.99 -20.54 -14.25
CA GLN C 14 -33.60 -21.86 -14.34
C GLN C 14 -32.71 -22.96 -13.70
N SER C 15 -31.41 -22.96 -14.00
CA SER C 15 -30.55 -24.09 -13.63
C SER C 15 -30.39 -24.15 -12.11
N THR C 16 -30.44 -22.96 -11.49
CA THR C 16 -30.30 -22.83 -10.03
C THR C 16 -31.60 -22.87 -9.25
N ALA C 17 -32.70 -23.16 -9.95
CA ALA C 17 -34.02 -22.94 -9.31
C ALA C 17 -34.21 -23.78 -8.03
N GLN C 18 -33.82 -25.04 -8.02
CA GLN C 18 -34.00 -25.85 -6.79
C GLN C 18 -33.10 -25.35 -5.64
N ALA C 19 -31.82 -25.01 -5.94
CA ALA C 19 -30.97 -24.59 -4.86
C ALA C 19 -31.29 -23.18 -4.37
N HIS C 20 -31.75 -22.30 -5.27
CA HIS C 20 -32.23 -20.95 -4.90
C HIS C 20 -33.47 -21.09 -3.97
N GLU C 21 -34.42 -21.97 -4.37
CA GLU C 21 -35.59 -22.30 -3.51
C GLU C 21 -35.15 -22.76 -2.12
N LYS C 22 -34.20 -23.71 -2.02
CA LYS C 22 -33.82 -24.17 -0.66
C LYS C 22 -33.23 -23.02 0.16
N ALA C 23 -32.34 -22.24 -0.45
CA ALA C 23 -31.69 -21.16 0.29
C ALA C 23 -32.70 -20.13 0.77
N GLU C 24 -33.66 -19.82 -0.06
CA GLU C 24 -34.62 -18.80 0.26
C GLU C 24 -35.55 -19.19 1.41
N HIS C 25 -35.84 -20.48 1.54
CA HIS C 25 -36.76 -20.94 2.56
C HIS C 25 -36.06 -21.36 3.83
N SER C 26 -34.79 -21.05 3.93
CA SER C 26 -34.00 -21.39 5.10
C SER C 26 -34.82 -20.93 6.32
N THR C 27 -34.86 -21.77 7.35
CA THR C 27 -35.61 -21.41 8.55
C THR C 27 -35.04 -20.14 9.24
N PHE C 28 -33.72 -20.09 9.32
CA PHE C 28 -33.04 -18.93 9.90
C PHE C 28 -33.41 -17.63 9.22
N MET C 29 -33.30 -17.62 7.90
CA MET C 29 -33.48 -16.34 7.24
C MET C 29 -34.96 -15.95 7.28
N SER C 30 -35.86 -16.94 7.11
CA SER C 30 -37.23 -16.60 7.10
C SER C 30 -37.66 -16.16 8.50
N ASP C 31 -37.17 -16.81 9.56
CA ASP C 31 -37.43 -16.37 10.90
C ASP C 31 -36.84 -14.96 11.17
N LEU C 32 -35.64 -14.69 10.61
CA LEU C 32 -35.04 -13.36 10.86
C LEU C 32 -35.93 -12.29 10.24
N LEU C 33 -36.31 -12.49 8.99
CA LEU C 33 -37.11 -11.49 8.26
C LEU C 33 -38.45 -11.26 8.82
N LYS C 34 -39.05 -12.33 9.40
CA LYS C 34 -40.40 -12.22 9.87
C LYS C 34 -40.46 -11.69 11.28
N GLY C 35 -39.31 -11.40 11.92
CA GLY C 35 -39.30 -10.73 13.18
C GLY C 35 -39.26 -11.70 14.37
N ARG C 36 -38.98 -12.98 14.08
CA ARG C 36 -39.01 -14.00 15.14
C ARG C 36 -37.69 -14.09 15.87
N LEU C 37 -36.63 -13.44 15.33
CA LEU C 37 -35.30 -13.50 15.99
C LEU C 37 -34.97 -12.21 16.71
N GLY C 38 -33.79 -11.58 16.49
CA GLY C 38 -33.55 -10.29 17.06
C GLY C 38 -32.25 -9.76 16.50
N VAL C 39 -31.88 -8.59 16.99
CA VAL C 39 -30.67 -7.94 16.56
C VAL C 39 -29.40 -8.79 16.79
N ALA C 40 -29.36 -9.63 17.84
CA ALA C 40 -28.17 -10.48 18.06
C ALA C 40 -27.96 -11.39 16.82
N GLU C 41 -29.03 -12.01 16.34
CA GLU C 41 -28.91 -12.86 15.19
C GLU C 41 -28.59 -12.11 13.93
N PHE C 42 -29.19 -10.96 13.72
CA PHE C 42 -28.81 -10.15 12.56
C PHE C 42 -27.29 -9.79 12.61
N THR C 43 -26.79 -9.50 13.80
CA THR C 43 -25.35 -9.13 13.97
C THR C 43 -24.47 -10.34 13.64
N ARG C 44 -24.88 -11.52 14.09
CA ARG C 44 -24.15 -12.75 13.80
C ARG C 44 -24.14 -13.03 12.28
N LEU C 45 -25.27 -12.82 11.59
CA LEU C 45 -25.28 -12.92 10.09
C LEU C 45 -24.22 -12.00 9.48
N GLN C 46 -24.20 -10.70 9.90
CA GLN C 46 -23.29 -9.80 9.23
C GLN C 46 -21.83 -10.09 9.57
N GLU C 47 -21.53 -10.64 10.74
CA GLU C 47 -20.18 -11.05 11.05
C GLU C 47 -19.75 -12.14 10.05
N GLN C 48 -20.60 -13.14 9.91
CA GLN C 48 -20.24 -14.18 8.94
C GLN C 48 -20.13 -13.62 7.50
N ALA C 49 -21.02 -12.75 7.09
CA ALA C 49 -20.98 -12.16 5.75
C ALA C 49 -19.70 -11.36 5.55
N TRP C 50 -19.24 -10.63 6.60
CA TRP C 50 -17.94 -9.93 6.44
C TRP C 50 -16.81 -10.93 6.07
N LEU C 51 -16.81 -12.07 6.69
CA LEU C 51 -15.76 -13.06 6.45
C LEU C 51 -15.91 -13.56 4.99
N PHE C 52 -17.12 -13.90 4.55
CA PHE C 52 -17.16 -14.48 3.18
C PHE C 52 -17.14 -13.41 2.09
N TYR C 53 -17.67 -12.21 2.33
CA TYR C 53 -17.51 -11.18 1.28
C TYR C 53 -16.04 -10.73 1.17
N THR C 54 -15.26 -10.75 2.28
CA THR C 54 -13.81 -10.42 2.21
C THR C 54 -13.18 -11.44 1.21
N ALA C 55 -13.48 -12.71 1.43
CA ALA C 55 -12.86 -13.77 0.52
C ALA C 55 -13.43 -13.65 -0.93
N LEU C 56 -14.74 -13.37 -1.08
CA LEU C 56 -15.33 -13.27 -2.37
C LEU C 56 -14.70 -12.14 -3.11
N GLU C 57 -14.47 -10.98 -2.44
CA GLU C 57 -13.93 -9.83 -3.18
C GLU C 57 -12.42 -9.95 -3.48
N GLN C 58 -11.71 -10.76 -2.70
CA GLN C 58 -10.34 -11.12 -3.11
C GLN C 58 -10.35 -11.98 -4.40
N ALA C 59 -11.35 -12.80 -4.50
CA ALA C 59 -11.45 -13.60 -5.75
C ALA C 59 -11.89 -12.76 -6.87
N VAL C 60 -12.87 -11.82 -6.67
CA VAL C 60 -13.23 -10.95 -7.77
C VAL C 60 -12.05 -10.13 -8.22
N ASP C 61 -11.23 -9.62 -7.28
CA ASP C 61 -10.11 -8.72 -7.66
C ASP C 61 -9.11 -9.55 -8.55
N ALA C 62 -8.89 -10.82 -8.18
CA ALA C 62 -7.91 -11.65 -8.96
C ALA C 62 -8.49 -11.89 -10.34
N VAL C 63 -9.78 -12.23 -10.40
CA VAL C 63 -10.38 -12.49 -11.73
C VAL C 63 -10.40 -11.22 -12.62
N ARG C 64 -10.82 -10.08 -12.08
CA ARG C 64 -10.78 -8.83 -12.82
C ARG C 64 -9.36 -8.56 -13.37
N ALA C 65 -8.35 -8.77 -12.51
CA ALA C 65 -6.90 -8.53 -12.87
C ALA C 65 -6.50 -9.41 -14.04
N SER C 66 -7.19 -10.50 -14.24
CA SER C 66 -6.86 -11.41 -15.36
C SER C 66 -7.56 -10.99 -16.60
N GLY C 67 -8.37 -9.92 -16.55
CA GLY C 67 -9.11 -9.45 -17.66
C GLY C 67 -10.42 -10.13 -18.04
N PHE C 68 -10.98 -10.94 -17.14
CA PHE C 68 -12.15 -11.73 -17.46
C PHE C 68 -13.37 -11.04 -16.84
N ALA C 69 -14.47 -10.91 -17.61
CA ALA C 69 -15.73 -10.35 -17.03
C ALA C 69 -15.54 -8.99 -16.41
N GLU C 70 -14.67 -8.14 -16.98
CA GLU C 70 -14.31 -6.90 -16.28
C GLU C 70 -15.52 -5.95 -16.08
N SER C 71 -16.36 -5.83 -17.10
CA SER C 71 -17.51 -4.92 -16.93
C SER C 71 -18.53 -5.44 -15.92
N LEU C 72 -18.67 -6.77 -15.79
CA LEU C 72 -19.57 -7.32 -14.74
C LEU C 72 -19.02 -7.06 -13.34
N LEU C 73 -17.69 -7.09 -13.17
CA LEU C 73 -17.07 -7.11 -11.83
C LEU C 73 -16.85 -5.69 -11.40
N ASP C 74 -17.99 -4.97 -11.31
CA ASP C 74 -17.94 -3.57 -10.94
C ASP C 74 -17.53 -3.34 -9.49
N PRO C 75 -16.44 -2.60 -9.21
CA PRO C 75 -16.00 -2.44 -7.83
C PRO C 75 -16.99 -1.71 -6.97
N ALA C 76 -17.87 -0.97 -7.60
CA ALA C 76 -18.98 -0.31 -6.79
C ALA C 76 -19.80 -1.30 -6.05
N LEU C 77 -19.82 -2.57 -6.47
CA LEU C 77 -20.56 -3.56 -5.72
C LEU C 77 -19.87 -3.98 -4.40
N ASN C 78 -18.57 -3.70 -4.23
CA ASN C 78 -17.83 -4.28 -3.07
C ASN C 78 -18.61 -3.98 -1.74
N ARG C 79 -18.76 -5.03 -0.94
CA ARG C 79 -19.54 -4.91 0.29
C ARG C 79 -18.64 -5.07 1.52
N ALA C 80 -17.40 -5.59 1.38
CA ALA C 80 -16.74 -6.01 2.62
C ALA C 80 -16.42 -4.83 3.57
N GLU C 81 -15.91 -3.75 3.00
CA GLU C 81 -15.58 -2.60 3.88
C GLU C 81 -16.88 -2.00 4.45
N VAL C 82 -17.96 -1.94 3.65
CA VAL C 82 -19.25 -1.48 4.18
C VAL C 82 -19.75 -2.35 5.31
N LEU C 83 -19.63 -3.69 5.21
CA LEU C 83 -20.00 -4.58 6.31
C LEU C 83 -19.19 -4.30 7.59
N ALA C 84 -17.90 -4.06 7.44
CA ALA C 84 -17.12 -3.77 8.64
C ALA C 84 -17.61 -2.48 9.28
N ARG C 85 -17.90 -1.47 8.46
CA ARG C 85 -18.54 -0.20 9.03
C ARG C 85 -19.87 -0.51 9.73
N ASP C 86 -20.72 -1.35 9.16
CA ASP C 86 -22.01 -1.64 9.82
C ASP C 86 -21.73 -2.37 11.05
N LEU C 87 -20.75 -3.28 11.10
CA LEU C 87 -20.52 -4.00 12.36
C LEU C 87 -19.92 -3.02 13.41
N ASP C 88 -19.07 -2.07 12.97
CA ASP C 88 -18.58 -1.09 13.98
C ASP C 88 -19.76 -0.35 14.59
N LYS C 89 -20.75 -0.04 13.76
CA LYS C 89 -21.97 0.70 14.27
C LYS C 89 -22.77 -0.22 15.13
N LEU C 90 -23.00 -1.45 14.76
CA LEU C 90 -23.84 -2.35 15.58
C LEU C 90 -23.16 -2.58 16.94
N ASN C 91 -21.86 -2.69 16.98
CA ASN C 91 -21.13 -2.83 18.25
C ASN C 91 -20.71 -1.64 18.97
N GLY C 92 -20.75 -0.50 18.34
CA GLY C 92 -20.21 0.69 18.97
C GLY C 92 -18.70 0.64 19.29
N SER C 93 -18.01 -0.27 18.57
CA SER C 93 -16.63 -0.47 18.80
C SER C 93 -16.07 -1.34 17.68
N SER C 94 -14.77 -1.24 17.49
CA SER C 94 -14.09 -2.14 16.49
C SER C 94 -13.81 -3.52 17.01
N GLU C 95 -14.04 -3.75 18.32
CA GLU C 95 -13.53 -4.94 19.02
C GLU C 95 -14.18 -6.24 18.62
N TRP C 96 -15.26 -6.15 17.90
CA TRP C 96 -15.80 -7.41 17.26
C TRP C 96 -14.73 -8.16 16.45
N ARG C 97 -13.72 -7.44 15.95
CA ARG C 97 -12.67 -8.07 15.17
C ARG C 97 -11.88 -9.05 16.05
N SER C 98 -11.93 -8.85 17.37
CA SER C 98 -11.19 -9.72 18.30
C SER C 98 -12.03 -10.92 18.82
N ARG C 99 -13.23 -11.02 18.31
CA ARG C 99 -14.01 -12.20 18.75
C ARG C 99 -14.76 -12.95 17.71
N ILE C 100 -14.82 -12.43 16.50
CA ILE C 100 -15.53 -13.06 15.38
C ILE C 100 -14.78 -14.35 14.99
N THR C 101 -15.56 -15.40 14.66
CA THR C 101 -14.92 -16.56 14.01
C THR C 101 -15.86 -17.22 13.04
N ALA C 102 -15.27 -17.75 11.96
CA ALA C 102 -16.11 -18.38 10.95
C ALA C 102 -16.73 -19.65 11.41
N SER C 103 -18.02 -19.79 11.07
CA SER C 103 -18.71 -21.00 11.37
C SER C 103 -18.22 -22.09 10.40
N PRO C 104 -18.51 -23.32 10.70
CA PRO C 104 -18.03 -24.40 9.81
C PRO C 104 -18.44 -24.25 8.36
N ALA C 105 -19.69 -23.80 8.10
CA ALA C 105 -20.13 -23.54 6.72
C ALA C 105 -19.37 -22.43 6.07
N VAL C 106 -18.99 -21.39 6.85
CA VAL C 106 -18.32 -20.25 6.25
C VAL C 106 -16.85 -20.63 5.98
N ILE C 107 -16.29 -21.47 6.81
CA ILE C 107 -14.92 -22.01 6.57
C ILE C 107 -14.92 -22.67 5.18
N ASP C 108 -15.92 -23.51 4.95
CA ASP C 108 -16.01 -24.21 3.63
C ASP C 108 -16.18 -23.26 2.46
N TYR C 109 -17.10 -22.29 2.65
CA TYR C 109 -17.35 -21.30 1.64
C TYR C 109 -16.13 -20.45 1.33
N VAL C 110 -15.46 -19.94 2.38
CA VAL C 110 -14.24 -19.17 2.21
C VAL C 110 -13.18 -20.00 1.48
N ASN C 111 -13.07 -21.25 1.90
CA ASN C 111 -12.02 -22.18 1.28
C ASN C 111 -12.28 -22.27 -0.23
N ARG C 112 -13.55 -22.38 -0.62
CA ARG C 112 -13.83 -22.50 -2.07
C ARG C 112 -13.52 -21.17 -2.76
N LEU C 113 -13.89 -20.04 -2.12
CA LEU C 113 -13.62 -18.78 -2.79
C LEU C 113 -12.10 -18.55 -2.92
N GLU C 114 -11.32 -19.00 -1.94
CA GLU C 114 -9.86 -18.82 -2.01
C GLU C 114 -9.29 -19.72 -3.13
N GLU C 115 -9.90 -20.87 -3.25
CA GLU C 115 -9.49 -21.81 -4.35
C GLU C 115 -9.79 -21.11 -5.70
N ILE C 116 -10.95 -20.47 -5.85
CA ILE C 116 -11.31 -19.78 -7.11
C ILE C 116 -10.30 -18.68 -7.33
N ARG C 117 -9.92 -17.94 -6.23
CA ARG C 117 -8.94 -16.84 -6.37
C ARG C 117 -7.58 -17.43 -6.81
N ASP C 118 -7.12 -18.45 -6.12
CA ASP C 118 -5.73 -18.97 -6.43
C ASP C 118 -5.73 -19.59 -7.84
N ASN C 119 -6.82 -20.22 -8.26
CA ASN C 119 -6.85 -20.82 -9.64
C ASN C 119 -7.19 -19.81 -10.69
N VAL C 120 -7.66 -18.60 -10.30
CA VAL C 120 -8.14 -17.56 -11.18
C VAL C 120 -9.22 -18.15 -12.10
N ASP C 121 -10.23 -18.77 -11.44
CA ASP C 121 -11.34 -19.45 -12.12
C ASP C 121 -12.46 -18.48 -12.44
N GLY C 122 -12.37 -17.83 -13.59
CA GLY C 122 -13.26 -16.71 -13.94
C GLY C 122 -14.72 -17.18 -13.97
N PRO C 123 -15.03 -18.28 -14.62
CA PRO C 123 -16.44 -18.63 -14.74
C PRO C 123 -16.98 -19.03 -13.34
N ALA C 124 -16.20 -19.69 -12.51
CA ALA C 124 -16.69 -20.08 -11.13
C ALA C 124 -16.93 -18.78 -10.36
N LEU C 125 -16.02 -17.82 -10.49
CA LEU C 125 -16.17 -16.52 -9.76
C LEU C 125 -17.46 -15.82 -10.19
N VAL C 126 -17.72 -15.75 -11.51
CA VAL C 126 -18.98 -15.11 -11.96
C VAL C 126 -20.18 -15.80 -11.32
N ALA C 127 -20.17 -17.12 -11.20
CA ALA C 127 -21.25 -17.85 -10.49
C ALA C 127 -21.49 -17.27 -9.11
N HIS C 128 -20.40 -17.12 -8.38
CA HIS C 128 -20.50 -16.64 -6.98
C HIS C 128 -20.93 -15.21 -6.95
N HIS C 129 -20.51 -14.41 -7.89
CA HIS C 129 -20.85 -12.98 -7.95
C HIS C 129 -22.33 -12.84 -8.22
N TYR C 130 -22.88 -13.64 -9.16
CA TYR C 130 -24.31 -13.55 -9.44
C TYR C 130 -25.09 -13.92 -8.18
N VAL C 131 -24.79 -15.02 -7.54
CA VAL C 131 -25.57 -15.49 -6.39
C VAL C 131 -25.57 -14.47 -5.26
N ARG C 132 -24.44 -13.90 -4.93
CA ARG C 132 -24.45 -12.87 -3.82
C ARG C 132 -24.94 -11.53 -4.35
N TYR C 133 -24.33 -10.88 -5.33
CA TYR C 133 -24.68 -9.48 -5.63
C TYR C 133 -26.01 -9.31 -6.27
N LEU C 134 -26.40 -10.24 -7.16
CA LEU C 134 -27.73 -10.01 -7.70
C LEU C 134 -28.81 -10.24 -6.63
N GLY C 135 -28.59 -11.16 -5.68
CA GLY C 135 -29.49 -11.26 -4.53
C GLY C 135 -29.48 -9.95 -3.72
N ASP C 136 -28.31 -9.45 -3.40
CA ASP C 136 -28.29 -8.20 -2.59
C ASP C 136 -29.01 -7.13 -3.33
N LEU C 137 -28.71 -6.94 -4.58
CA LEU C 137 -29.42 -5.91 -5.37
C LEU C 137 -30.95 -6.07 -5.41
N SER C 138 -31.40 -7.32 -5.43
CA SER C 138 -32.81 -7.57 -5.65
C SER C 138 -33.58 -7.53 -4.36
N GLY C 139 -33.03 -8.06 -3.31
CA GLY C 139 -33.73 -8.13 -2.05
C GLY C 139 -33.23 -7.31 -0.88
N GLY C 140 -32.14 -6.59 -1.02
CA GLY C 140 -31.54 -5.88 0.10
C GLY C 140 -32.48 -4.82 0.66
N GLN C 141 -33.36 -4.16 -0.13
CA GLN C 141 -34.24 -3.11 0.49
C GLN C 141 -35.26 -3.77 1.41
N VAL C 142 -35.64 -5.01 1.02
CA VAL C 142 -36.60 -5.73 1.91
C VAL C 142 -35.94 -6.07 3.23
N ILE C 143 -34.75 -6.66 3.15
CA ILE C 143 -34.10 -7.09 4.39
C ILE C 143 -33.83 -5.89 5.29
N ALA C 144 -33.31 -4.80 4.71
CA ALA C 144 -33.04 -3.61 5.58
C ALA C 144 -34.35 -3.08 6.20
N ARG C 145 -35.47 -3.06 5.47
CA ARG C 145 -36.71 -2.49 6.02
C ARG C 145 -37.12 -3.43 7.14
N MET C 146 -36.97 -4.75 6.95
CA MET C 146 -37.41 -5.65 8.02
C MET C 146 -36.57 -5.53 9.29
N MET C 147 -35.24 -5.34 9.17
CA MET C 147 -34.40 -5.12 10.36
C MET C 147 -34.81 -3.84 11.09
N GLN C 148 -35.16 -2.83 10.35
CA GLN C 148 -35.58 -1.62 11.00
C GLN C 148 -36.95 -1.85 11.67
N ARG C 149 -37.89 -2.40 10.90
CA ARG C 149 -39.30 -2.56 11.41
C ARG C 149 -39.27 -3.46 12.64
N HIS C 150 -38.70 -4.66 12.51
CA HIS C 150 -38.82 -5.69 13.54
C HIS C 150 -37.94 -5.50 14.75
N TYR C 151 -36.72 -4.96 14.49
CA TYR C 151 -35.68 -5.01 15.52
C TYR C 151 -35.11 -3.62 15.87
N GLY C 152 -35.58 -2.58 15.17
CA GLY C 152 -35.11 -1.24 15.47
C GLY C 152 -33.67 -0.95 15.10
N VAL C 153 -33.17 -1.73 14.16
CA VAL C 153 -31.81 -1.49 13.71
C VAL C 153 -31.72 -0.13 13.04
N ASP C 154 -30.65 0.57 13.35
CA ASP C 154 -30.51 1.88 12.76
C ASP C 154 -30.07 1.82 11.35
N PRO C 155 -30.60 2.68 10.51
CA PRO C 155 -30.18 2.59 9.11
C PRO C 155 -28.67 2.82 8.86
N GLU C 156 -27.97 3.53 9.77
CA GLU C 156 -26.55 3.62 9.64
C GLU C 156 -25.82 2.31 9.83
N ALA C 157 -26.50 1.26 10.31
CA ALA C 157 -25.88 -0.04 10.51
C ALA C 157 -26.37 -1.01 9.40
N LEU C 158 -27.03 -0.40 8.41
CA LEU C 158 -27.58 -1.23 7.27
C LEU C 158 -27.02 -0.83 5.93
N GLY C 159 -25.84 -0.22 5.94
CA GLY C 159 -25.17 0.28 4.71
C GLY C 159 -24.94 -0.89 3.72
N PHE C 160 -24.77 -2.10 4.22
CA PHE C 160 -24.61 -3.33 3.36
C PHE C 160 -25.69 -3.39 2.27
N TYR C 161 -26.90 -3.01 2.65
CA TYR C 161 -28.07 -3.18 1.75
C TYR C 161 -28.28 -2.01 0.85
N HIS C 162 -27.46 -0.98 0.94
CA HIS C 162 -27.55 0.19 0.09
C HIS C 162 -26.33 0.32 -0.83
N PHE C 163 -26.56 0.54 -2.16
CA PHE C 163 -25.40 0.65 -2.99
C PHE C 163 -25.13 2.09 -3.46
N GLU C 164 -24.08 2.71 -2.84
CA GLU C 164 -23.83 4.20 -2.97
C GLU C 164 -23.51 4.51 -4.43
N GLY C 165 -22.77 3.61 -5.06
CA GLY C 165 -22.45 3.84 -6.44
C GLY C 165 -23.47 3.52 -7.52
N ILE C 166 -24.81 3.54 -7.23
CA ILE C 166 -25.80 3.03 -8.22
C ILE C 166 -27.14 3.68 -8.08
N ALA C 167 -27.45 4.71 -8.88
CA ALA C 167 -28.70 5.48 -8.58
C ALA C 167 -29.96 4.94 -9.25
N LYS C 168 -29.74 4.21 -10.35
CA LYS C 168 -30.79 3.65 -11.21
C LYS C 168 -30.71 2.12 -11.04
N LEU C 169 -31.25 1.61 -9.94
CA LEU C 169 -31.01 0.27 -9.51
C LEU C 169 -31.69 -0.68 -10.49
N LYS C 170 -32.91 -0.40 -10.99
CA LYS C 170 -33.58 -1.35 -11.93
C LYS C 170 -32.79 -1.45 -13.24
N VAL C 171 -32.28 -0.31 -13.68
CA VAL C 171 -31.51 -0.29 -14.93
C VAL C 171 -30.23 -1.07 -14.72
N TYR C 172 -29.67 -0.93 -13.54
CA TYR C 172 -28.39 -1.64 -13.22
C TYR C 172 -28.61 -3.13 -13.17
N LYS C 173 -29.69 -3.57 -12.54
CA LYS C 173 -29.97 -5.03 -12.57
C LYS C 173 -30.22 -5.60 -13.99
N ASP C 174 -31.03 -4.91 -14.80
CA ASP C 174 -31.20 -5.27 -16.21
C ASP C 174 -29.83 -5.39 -16.94
N GLU C 175 -29.00 -4.38 -16.77
CA GLU C 175 -27.67 -4.33 -17.41
C GLU C 175 -26.75 -5.46 -16.88
N TYR C 176 -26.90 -5.81 -15.62
CA TYR C 176 -26.12 -6.91 -15.04
C TYR C 176 -26.51 -8.22 -15.79
N ARG C 177 -27.84 -8.48 -15.98
CA ARG C 177 -28.30 -9.66 -16.75
C ARG C 177 -27.81 -9.57 -18.19
N GLU C 178 -27.79 -8.38 -18.80
CA GLU C 178 -27.31 -8.27 -20.19
C GLU C 178 -25.83 -8.59 -20.21
N LYS C 179 -25.08 -8.09 -19.21
CA LYS C 179 -23.62 -8.44 -19.11
C LYS C 179 -23.41 -9.95 -19.01
N LEU C 180 -24.23 -10.66 -18.22
CA LEU C 180 -24.17 -12.12 -18.19
C LEU C 180 -24.42 -12.72 -19.58
N ASN C 181 -25.43 -12.20 -20.26
CA ASN C 181 -25.76 -12.71 -21.57
C ASN C 181 -24.67 -12.46 -22.54
N ASN C 182 -23.92 -11.39 -22.37
CA ASN C 182 -22.91 -11.04 -23.37
C ASN C 182 -21.54 -11.61 -23.09
N LEU C 183 -21.40 -12.32 -21.97
CA LEU C 183 -20.11 -12.89 -21.64
C LEU C 183 -19.84 -14.02 -22.64
N GLU C 184 -18.68 -13.98 -23.28
CA GLU C 184 -18.48 -15.06 -24.29
C GLU C 184 -17.91 -16.27 -23.53
N LEU C 185 -18.60 -17.41 -23.60
CA LEU C 185 -18.15 -18.54 -22.77
C LEU C 185 -18.20 -19.70 -23.73
N SER C 186 -17.19 -20.55 -23.62
CA SER C 186 -17.27 -21.80 -24.35
C SER C 186 -18.31 -22.68 -23.67
N ASP C 187 -18.66 -23.81 -24.33
CA ASP C 187 -19.57 -24.78 -23.67
C ASP C 187 -19.10 -25.27 -22.34
N GLU C 188 -17.78 -25.61 -22.18
CA GLU C 188 -17.27 -26.15 -20.91
C GLU C 188 -17.33 -25.03 -19.90
N GLN C 189 -17.00 -23.79 -20.30
CA GLN C 189 -16.95 -22.71 -19.28
C GLN C 189 -18.39 -22.46 -18.76
N ARG C 190 -19.34 -22.48 -19.69
CA ARG C 190 -20.77 -22.22 -19.33
C ARG C 190 -21.20 -23.33 -18.35
N GLU C 191 -20.90 -24.59 -18.65
CA GLU C 191 -21.35 -25.70 -17.81
C GLU C 191 -20.74 -25.58 -16.43
N HIS C 192 -19.47 -25.16 -16.37
CA HIS C 192 -18.78 -25.08 -15.10
C HIS C 192 -19.44 -23.93 -14.26
N LEU C 193 -19.76 -22.84 -14.96
CA LEU C 193 -20.35 -21.68 -14.25
C LEU C 193 -21.69 -22.08 -13.73
N LEU C 194 -22.50 -22.77 -14.57
CA LEU C 194 -23.84 -23.11 -14.07
C LEU C 194 -23.77 -24.07 -12.90
N LYS C 195 -22.89 -25.04 -12.88
CA LYS C 195 -22.72 -25.98 -11.72
C LYS C 195 -22.29 -25.21 -10.53
N GLU C 196 -21.38 -24.27 -10.74
CA GLU C 196 -20.79 -23.57 -9.55
C GLU C 196 -21.94 -22.70 -8.94
N ALA C 197 -22.87 -22.19 -9.77
CA ALA C 197 -23.92 -21.28 -9.23
C ALA C 197 -24.85 -22.05 -8.31
N THR C 198 -25.15 -23.30 -8.65
CA THR C 198 -25.90 -24.16 -7.71
C THR C 198 -25.09 -24.39 -6.43
N ASP C 199 -23.77 -24.62 -6.55
CA ASP C 199 -22.96 -24.84 -5.36
C ASP C 199 -22.90 -23.57 -4.50
N ALA C 200 -22.90 -22.42 -5.15
CA ALA C 200 -22.86 -21.11 -4.41
C ALA C 200 -24.17 -20.94 -3.58
N PHE C 201 -25.32 -21.33 -4.18
CA PHE C 201 -26.58 -21.28 -3.35
C PHE C 201 -26.47 -22.26 -2.23
N VAL C 202 -25.91 -23.43 -2.45
CA VAL C 202 -25.81 -24.43 -1.35
C VAL C 202 -24.90 -23.95 -0.20
N PHE C 203 -23.76 -23.34 -0.52
CA PHE C 203 -22.95 -22.73 0.52
C PHE C 203 -23.73 -21.74 1.38
N ASN C 204 -24.55 -20.91 0.74
CA ASN C 204 -25.30 -19.88 1.50
C ASN C 204 -26.36 -20.55 2.33
N HIS C 205 -27.08 -21.60 1.80
CA HIS C 205 -28.05 -22.26 2.67
C HIS C 205 -27.31 -22.84 3.90
N GLN C 206 -26.08 -23.33 3.73
CA GLN C 206 -25.42 -23.95 4.88
C GLN C 206 -24.99 -22.88 5.91
N VAL C 207 -24.62 -21.67 5.40
CA VAL C 207 -24.31 -20.54 6.28
C VAL C 207 -25.51 -20.30 7.18
N PHE C 208 -26.69 -20.26 6.58
CA PHE C 208 -27.90 -19.96 7.38
C PHE C 208 -28.20 -21.07 8.34
N ALA C 209 -27.98 -22.31 7.91
CA ALA C 209 -28.23 -23.44 8.80
C ALA C 209 -27.35 -23.34 10.07
N ASP C 210 -26.07 -23.00 9.89
CA ASP C 210 -25.16 -22.87 11.04
C ASP C 210 -25.63 -21.75 11.96
N LEU C 211 -26.11 -20.67 11.39
CA LEU C 211 -26.62 -19.49 12.18
C LEU C 211 -27.89 -19.93 12.97
N GLY C 212 -28.67 -20.76 12.36
CA GLY C 212 -29.93 -21.21 13.00
C GLY C 212 -29.74 -22.30 14.07
N LYS C 213 -28.54 -22.89 14.16
CA LYS C 213 -28.24 -23.97 15.11
C LYS C 213 -28.14 -23.37 16.52
N GLY C 214 -29.00 -23.86 17.43
CA GLY C 214 -28.96 -23.52 18.88
C GLY C 214 -30.34 -23.39 19.54
FE FE D . 18.33 15.37 -19.69
CHA BLA E . 17.82 14.03 -22.60
CHA BLA E . 17.51 14.24 -22.43
NA BLA E . 17.86 13.92 -20.18
NA BLA E . 17.71 13.92 -20.00
C1A BLA E . 17.60 13.32 -21.39
C1A BLA E . 17.31 13.47 -21.25
C2A BLA E . 17.12 11.97 -21.20
C2A BLA E . 16.69 12.16 -21.14
C3A BLA E . 17.03 11.74 -19.86
C3A BLA E . 16.71 11.80 -19.81
C4A BLA E . 17.53 12.96 -19.23
C4A BLA E . 17.34 12.93 -19.11
CMA BLA E . 16.68 10.47 -19.13
CMA BLA E . 16.34 10.54 -19.09
CAA BLA E . 16.74 11.03 -22.31
CAA BLA E . 16.19 11.53 -22.43
CBA BLA E . 15.30 10.49 -22.13
CBA BLA E . 14.76 10.95 -22.41
CGA BLA E . 14.64 10.11 -23.31
CGA BLA E . 14.39 10.21 -23.55
O1A BLA E . 13.53 9.56 -23.25
O1A BLA E . 13.30 9.60 -23.58
O2A BLA E . 15.26 10.30 -24.44
O2A BLA E . 15.13 10.23 -24.63
CHB BLA E . 17.64 13.13 -17.85
CHB BLA E . 17.54 12.98 -17.71
NB BLA E . 17.56 15.62 -17.91
NB BLA E . 17.26 15.42 -17.80
C1B BLA E . 17.68 14.39 -17.26
C1B BLA E . 17.48 14.24 -17.11
C2B BLA E . 17.89 14.53 -15.84
C2B BLA E . 17.74 14.48 -15.69
C3B BLA E . 17.81 15.87 -15.59
C3B BLA E . 17.54 15.84 -15.52
C4B BLA E . 17.60 16.53 -16.88
C4B BLA E . 17.22 16.41 -16.84
CMB BLA E . 18.00 13.37 -14.88
CMB BLA E . 18.00 13.38 -14.69
OB BLA E . 17.53 17.72 -17.10
OB BLA E . 17.07 17.57 -17.14
CAB BLA E . 17.96 16.43 -14.20
CAB BLA E . 17.65 16.69 -14.28
CBB BLA E . 18.62 15.31 -13.34
CBB BLA E . 17.54 15.96 -12.93
NC BLA E . 19.27 17.47 -19.26
NC BLA E . 19.67 17.66 -19.28
C1C BLA E . 19.53 17.97 -17.97
C1C BLA E . 20.11 18.20 -18.06
C2C BLA E . 20.02 19.34 -18.04
C2C BLA E . 20.64 19.53 -18.25
C3C BLA E . 20.09 19.64 -19.34
C3C BLA E . 20.54 19.78 -19.58
C4C BLA E . 19.61 18.50 -20.09
C4C BLA E . 19.93 18.64 -20.20
CMC BLA E . 20.35 20.12 -16.79
CMC BLA E . 21.15 20.27 -17.03
OC BLA E . 19.37 17.39 -16.89
OC BLA E . 20.10 17.70 -16.92
CAC BLA E . 20.49 20.93 -20.06
CAC BLA E . 20.99 21.04 -20.38
CBC BLA E . 19.31 21.50 -20.92
CBC BLA E . 19.85 21.78 -21.15
CHD BLA E . 19.47 18.28 -21.44
CHD BLA E . 19.58 18.36 -21.51
ND BLA E . 18.63 16.09 -21.81
ND BLA E . 18.54 16.25 -21.73
C1D BLA E . 19.07 17.30 -22.35
C1D BLA E . 19.01 17.41 -22.35
C2D BLA E . 19.01 17.30 -23.79
C2D BLA E . 18.77 17.42 -23.79
C3D BLA E . 18.52 16.07 -24.13
C3D BLA E . 18.16 16.23 -24.03
C4D BLA E . 18.30 15.32 -22.87
C4D BLA E . 18.04 15.50 -22.74
CMD BLA E . 19.41 18.44 -24.69
CMD BLA E . 19.16 18.53 -24.74
CAD BLA E . 18.32 15.67 -25.58
CAD BLA E . 17.73 15.79 -25.40
CBD BLA E . 16.82 14.85 -25.77
CBD BLA E . 16.29 15.07 -25.34
CGD BLA E . 16.97 13.24 -26.30
CGD BLA E . 16.27 13.71 -25.89
O1D BLA E . 18.02 12.87 -26.81
O1D BLA E . 17.24 13.18 -26.52
O2D BLA E . 15.97 12.35 -26.16
O2D BLA E . 15.20 13.01 -25.78
S SO4 F . 13.80 24.58 -7.23
O1 SO4 F . 14.79 23.49 -7.11
O2 SO4 F . 14.43 25.75 -7.86
O3 SO4 F . 13.39 24.88 -5.85
O4 SO4 F . 12.63 24.19 -8.00
CHA BLA G . 12.23 7.86 15.15
NA BLA G . 10.37 6.66 16.12
C1A BLA G . 10.96 7.81 15.71
C2A BLA G . 10.09 8.92 15.98
C3A BLA G . 8.93 8.45 16.56
C4A BLA G . 9.12 7.00 16.63
CMA BLA G . 7.70 9.19 17.01
CAA BLA G . 10.67 10.24 15.57
CBA BLA G . 10.36 11.35 16.59
CGA BLA G . 10.90 12.57 16.17
O1A BLA G . 11.63 12.83 15.18
O2A BLA G . 10.41 13.41 17.01
CHB BLA G . 8.25 6.03 17.12
NB BLA G . 9.99 4.53 17.81
C1B BLA G . 8.64 4.81 17.70
C2B BLA G . 7.82 3.73 18.25
C3B BLA G . 8.72 2.81 18.71
C4B BLA G . 10.06 3.34 18.46
CMB BLA G . 6.31 3.65 18.31
OB BLA G . 11.14 2.81 18.70
CAB BLA G . 8.50 1.48 19.38
CBB BLA G . 9.62 0.44 19.07
NC BLA G . 12.19 3.01 15.61
C1C BLA G . 11.62 1.79 15.95
C2C BLA G . 12.53 0.70 15.70
C3C BLA G . 13.65 1.23 15.13
C4C BLA G . 13.41 2.64 15.10
CMC BLA G . 12.04 -0.68 16.04
OC BLA G . 10.50 1.64 16.42
CAC BLA G . 14.99 0.65 14.63
CBC BLA G . 16.22 1.55 14.98
CHD BLA G . 14.20 3.68 14.66
ND BLA G . 13.04 5.65 14.99
C1D BLA G . 14.19 5.06 14.53
C2D BLA G . 15.17 5.99 14.01
C3D BLA G . 14.58 7.20 14.17
C4D BLA G . 13.24 6.96 14.75
CMD BLA G . 16.50 5.50 13.47
CAD BLA G . 14.92 8.61 13.79
CBD BLA G . 15.65 9.47 14.92
CGD BLA G . 17.03 9.35 14.71
O1D BLA G . 17.87 9.97 15.43
O2D BLA G . 17.45 8.64 13.75
S SO4 H . 10.72 -5.19 28.28
O1 SO4 H . 11.59 -6.32 27.96
O2 SO4 H . 11.55 -3.98 28.25
O3 SO4 H . 10.09 -5.33 29.59
O4 SO4 H . 9.62 -5.19 27.29
S SO4 I . -5.92 22.63 10.03
O1 SO4 I . -5.43 22.01 8.78
O2 SO4 I . -4.95 22.54 11.13
O3 SO4 I . -6.02 24.06 9.82
O4 SO4 I . -7.24 22.02 10.42
S SO4 J . -0.27 -2.42 -0.45
O1 SO4 J . 0.02 -2.68 -1.85
O2 SO4 J . 1.02 -2.17 0.18
O3 SO4 J . -0.89 -3.60 0.11
O4 SO4 J . -1.18 -1.26 -0.47
S SO4 K . 14.28 12.92 9.65
O1 SO4 K . 14.37 11.67 8.91
O2 SO4 K . 15.54 13.63 9.57
O3 SO4 K . 13.24 13.80 9.13
O4 SO4 K . 13.99 12.52 11.01
S SO4 L . 20.30 -0.99 6.96
O1 SO4 L . 21.41 -0.97 6.02
O2 SO4 L . 20.69 -0.32 8.22
O3 SO4 L . 19.89 -2.37 7.21
O4 SO4 L . 19.14 -0.33 6.36
FE FE M . -33.09 -12.91 -3.68
CHA BLA N . -33.80 -12.34 -6.77
CHA BLA N . -33.81 -12.35 -6.80
NA BLA N . -34.60 -12.08 -4.55
NA BLA N . -34.60 -12.13 -4.60
C1A BLA N . -34.69 -11.78 -5.87
C1A BLA N . -34.69 -11.79 -5.90
C2A BLA N . -35.95 -11.15 -6.18
C2A BLA N . -36.00 -11.22 -6.18
C3A BLA N . -36.56 -10.91 -5.01
C3A BLA N . -36.57 -10.97 -4.99
C4A BLA N . -35.72 -11.52 -4.01
C4A BLA N . -35.72 -11.60 -4.04
CMA BLA N . -37.84 -10.26 -4.62
CMA BLA N . -37.86 -10.37 -4.59
CAA BLA N . -36.23 -10.64 -7.59
CAA BLA N . -36.33 -10.67 -7.55
CBA BLA N . -36.26 -9.16 -7.94
CBA BLA N . -36.16 -9.24 -8.01
CGA BLA N . -36.41 -8.95 -9.32
CGA BLA N . -36.38 -9.16 -9.38
O1A BLA N . -36.34 -9.83 -10.22
O1A BLA N . -36.47 -10.08 -10.25
O2A BLA N . -36.48 -7.71 -9.53
O2A BLA N . -36.40 -7.91 -9.58
CHB BLA N . -35.96 -11.52 -2.65
CHB BLA N . -35.96 -11.60 -2.67
NB BLA N . -33.56 -12.01 -2.06
NB BLA N . -33.56 -12.00 -2.00
C1B BLA N . -34.88 -11.68 -1.74
C1B BLA N . -34.91 -11.71 -1.71
C2B BLA N . -35.01 -11.73 -0.28
C2B BLA N . -35.04 -11.79 -0.24
C3B BLA N . -33.78 -12.06 0.23
C3B BLA N . -33.81 -12.08 0.29
C4B BLA N . -32.86 -12.23 -0.90
C4B BLA N . -32.84 -12.16 -0.83
CMB BLA N . -36.28 -11.45 0.49
CMB BLA N . -36.32 -11.60 0.55
OB BLA N . -31.67 -12.60 -0.78
OB BLA N . -31.62 -12.46 -0.77
CAB BLA N . -33.29 -12.35 1.63
CAB BLA N . -33.48 -12.33 1.74
CBB BLA N . -32.05 -13.27 1.61
CBB BLA N . -32.25 -13.21 2.11
NC BLA N . -31.99 -14.84 -2.73
NC BLA N . -31.89 -14.91 -2.70
C1C BLA N . -32.03 -15.23 -1.42
C1C BLA N . -31.86 -15.39 -1.39
C2C BLA N . -30.80 -15.80 -0.92
C2C BLA N . -30.63 -15.88 -0.95
C3C BLA N . -30.03 -15.80 -2.04
C3C BLA N . -29.93 -15.82 -2.09
C4C BLA N . -30.74 -15.19 -3.10
C4C BLA N . -30.64 -15.18 -3.12
CMC BLA N . -30.66 -16.36 0.44
CMC BLA N . -30.43 -16.56 0.35
OC BLA N . -32.98 -15.25 -0.60
OC BLA N . -32.79 -15.17 -0.61
CAC BLA N . -28.65 -16.32 -2.35
CAC BLA N . -28.63 -16.43 -2.46
CBC BLA N . -27.62 -16.36 -1.18
CBC BLA N . -27.65 -15.79 -1.48
CHD BLA N . -30.46 -14.85 -4.44
CHD BLA N . -30.44 -14.88 -4.45
ND BLA N . -32.29 -13.59 -5.38
ND BLA N . -32.30 -13.63 -5.39
C1D BLA N . -31.03 -14.16 -5.51
C1D BLA N . -31.03 -14.15 -5.49
C2D BLA N . -30.60 -14.15 -6.90
C2D BLA N . -30.57 -14.14 -6.86
C3D BLA N . -31.56 -13.41 -7.51
C3D BLA N . -31.54 -13.39 -7.47
C4D BLA N . -32.58 -13.03 -6.56
C4D BLA N . -32.59 -13.03 -6.58
CMD BLA N . -29.29 -14.72 -7.40
CMD BLA N . -29.24 -14.63 -7.39
CAD BLA N . -31.76 -12.96 -8.93
CAD BLA N . -31.66 -12.93 -8.88
CBD BLA N . -31.61 -14.09 -10.00
CBD BLA N . -31.93 -14.08 -9.89
CGD BLA N . -32.11 -13.93 -11.30
CGD BLA N . -32.25 -13.91 -11.24
O1D BLA N . -33.00 -13.08 -11.65
O1D BLA N . -33.10 -13.05 -11.69
O2D BLA N . -31.54 -14.74 -12.10
O2D BLA N . -31.56 -14.73 -11.93
C1 ASC O . -37.75 -14.17 -2.27
C2 ASC O . -36.34 -14.63 -2.13
C3 ASC O . -35.86 -14.75 -3.39
C4 ASC O . -36.94 -14.47 -4.47
C5 ASC O . -37.26 -15.46 -5.55
C6 ASC O . -38.32 -15.04 -6.62
O1 ASC O . -38.43 -13.89 -1.29
O2 ASC O . -35.71 -14.82 -0.97
O3 ASC O . -34.59 -15.03 -3.65
O4 ASC O . -38.17 -14.12 -3.65
O5 ASC O . -37.85 -16.53 -4.82
O6 ASC O . -38.70 -13.96 -6.64
S SO4 P . -15.23 -7.97 -20.43
O1 SO4 P . -15.05 -7.55 -21.84
O2 SO4 P . -13.88 -8.40 -19.84
O3 SO4 P . -16.19 -9.10 -20.38
O4 SO4 P . -15.76 -6.73 -19.83
S SO4 Q . -21.25 3.13 4.16
O1 SO4 Q . -21.39 4.59 4.44
O2 SO4 Q . -20.23 3.00 3.13
O3 SO4 Q . -20.62 2.60 5.37
O4 SO4 Q . -22.55 2.55 3.95
#